data_4Y6S
#
_entry.id   4Y6S
#
_cell.length_a   51.396
_cell.length_b   54.963
_cell.length_c   85.054
_cell.angle_alpha   89.41
_cell.angle_beta   105.52
_cell.angle_gamma   107.28
#
_symmetry.space_group_name_H-M   'P 1'
#
loop_
_entity.id
_entity.type
_entity.pdbx_description
1 polymer '1-deoxy-D-xylulose 5-phosphate reductoisomerase, apicoplast'
2 non-polymer 'MANGANESE (II) ION'
3 non-polymer '[(2R)-4-[hydroxy(methyl)amino]-2-(4-methylphenyl)-4-oxobutyl]phosphonic acid'
4 water water
#
_entity_poly.entity_id   1
_entity_poly.type   'polypeptide(L)'
_entity_poly.pdbx_seq_one_letter_code
;MAHHHHHHKKPINVAIFGSTGSIGTNALNIIRECNKIENVFNVKALYVNKSVNELYEQAREFLPEYLCIHDKSVYEELKE
LVKNIKDYKPIILCGDEGMKEICSSNSIDKIVIGIDSFQGLYSTMYAIMNNKIVALANKESIVSAGFFLKKLLNIHKNAK
IIPVDSEHSAIFQCLDNNKVLKTKCLQDNFSKINNINKIFLCSSGGPFQNLTMDELKNVTSENALKHPKWKMGKKITIDS
ATMMNKGLEVIETHFLFDVDYNDIEVIVHKECIIHSCVEFIDKSVISQMYYPDMQIPILYSLTWPDRIKTNLKPLDLAQV
STLTFHKPSLEHFPCIKLAYQAGIKGNFYPTVLNASNEIANNLFLNNKIKYFDISSIISQVLESFNSQKVSENSEDLMKQ
ILQIHSWAKDKATDIYNKHNSS
;
_entity_poly.pdbx_strand_id   A,B
#
# COMPACT_ATOMS: atom_id res chain seq x y z
N PRO A 11 2.94 -23.95 10.96
CA PRO A 11 1.51 -23.93 11.29
C PRO A 11 1.13 -22.81 12.26
N ILE A 12 -0.07 -22.25 12.08
CA ILE A 12 -0.55 -21.17 12.95
C ILE A 12 -1.63 -21.69 13.90
N ASN A 13 -1.33 -21.54 15.18
CA ASN A 13 -2.14 -22.08 16.27
C ASN A 13 -3.03 -21.03 16.86
N VAL A 14 -4.33 -21.19 16.59
CA VAL A 14 -5.28 -20.13 16.82
C VAL A 14 -6.42 -20.64 17.66
N ALA A 15 -6.83 -19.81 18.61
CA ALA A 15 -8.07 -20.01 19.34
C ALA A 15 -9.05 -18.96 18.87
N ILE A 16 -10.33 -19.33 18.92
CA ILE A 16 -11.44 -18.45 18.54
C ILE A 16 -12.36 -18.28 19.73
N PHE A 17 -12.49 -17.05 20.20
CA PHE A 17 -13.39 -16.74 21.31
C PHE A 17 -14.66 -16.09 20.80
N GLY A 18 -15.80 -16.71 21.09
CA GLY A 18 -17.04 -16.28 20.47
C GLY A 18 -17.13 -16.92 19.10
N SER A 19 -16.84 -18.21 19.02
CA SER A 19 -16.67 -18.89 17.71
C SER A 19 -17.95 -19.03 16.87
N THR A 20 -19.13 -18.96 17.48
CA THR A 20 -20.40 -19.06 16.72
C THR A 20 -20.94 -17.69 16.35
N GLY A 21 -20.22 -16.64 16.76
CA GLY A 21 -20.62 -15.28 16.41
C GLY A 21 -20.24 -14.89 15.00
N SER A 22 -20.45 -13.63 14.67
CA SER A 22 -20.16 -13.09 13.35
C SER A 22 -18.69 -13.28 12.95
N ILE A 23 -17.79 -12.62 13.68
CA ILE A 23 -16.35 -12.68 13.38
C ILE A 23 -15.82 -14.10 13.61
N GLY A 24 -16.33 -14.76 14.65
CA GLY A 24 -16.07 -16.19 14.87
C GLY A 24 -16.30 -17.04 13.63
N THR A 25 -17.50 -16.99 13.06
CA THR A 25 -17.79 -17.88 11.93
C THR A 25 -17.07 -17.41 10.69
N ASN A 26 -16.92 -16.09 10.53
CA ASN A 26 -16.07 -15.59 9.45
C ASN A 26 -14.66 -16.10 9.52
N ALA A 27 -14.08 -16.03 10.71
CA ALA A 27 -12.73 -16.52 10.91
C ALA A 27 -12.60 -17.99 10.53
N LEU A 28 -13.56 -18.82 10.94
CA LEU A 28 -13.53 -20.25 10.65
C LEU A 28 -13.76 -20.54 9.18
N ASN A 29 -14.60 -19.72 8.54
CA ASN A 29 -14.79 -19.85 7.10
C ASN A 29 -13.48 -19.60 6.32
N ILE A 30 -12.80 -18.48 6.56
CA ILE A 30 -11.53 -18.21 5.83
C ILE A 30 -10.48 -19.27 6.16
N ILE A 31 -10.45 -19.71 7.42
CA ILE A 31 -9.56 -20.81 7.80
C ILE A 31 -9.86 -22.11 7.06
N ARG A 32 -11.14 -22.44 6.92
CA ARG A 32 -11.57 -23.65 6.24
C ARG A 32 -11.16 -23.55 4.77
N GLU A 33 -11.43 -22.42 4.15
CA GLU A 33 -11.03 -22.28 2.75
C GLU A 33 -9.50 -22.33 2.59
N CYS A 34 -8.75 -21.69 3.49
CA CYS A 34 -7.29 -21.68 3.36
C CYS A 34 -6.64 -23.04 3.63
N ASN A 35 -7.22 -23.80 4.55
CA ASN A 35 -6.70 -25.13 4.88
C ASN A 35 -6.91 -26.13 3.71
N LYS A 36 -8.00 -25.98 2.96
CA LYS A 36 -8.23 -26.82 1.77
C LYS A 36 -7.18 -26.65 0.69
N ILE A 37 -6.66 -25.43 0.56
CA ILE A 37 -5.59 -25.15 -0.39
C ILE A 37 -4.32 -25.79 0.13
N GLU A 38 -3.98 -25.46 1.37
CA GLU A 38 -2.75 -25.91 1.99
C GLU A 38 -3.03 -25.91 3.49
N ASN A 39 -2.72 -27.01 4.16
CA ASN A 39 -3.05 -27.13 5.57
C ASN A 39 -2.13 -26.23 6.39
N VAL A 40 -2.70 -25.16 6.93
CA VAL A 40 -1.92 -24.06 7.49
C VAL A 40 -2.26 -23.73 8.95
N PHE A 41 -3.55 -23.71 9.25
CA PHE A 41 -4.02 -23.33 10.58
C PHE A 41 -4.35 -24.56 11.38
N ASN A 42 -3.92 -24.56 12.63
CA ASN A 42 -4.43 -25.48 13.61
C ASN A 42 -5.34 -24.73 14.56
N VAL A 43 -6.64 -25.04 14.50
CA VAL A 43 -7.62 -24.49 15.42
C VAL A 43 -7.52 -25.23 16.74
N LYS A 44 -6.97 -24.53 17.72
CA LYS A 44 -6.59 -25.09 19.00
C LYS A 44 -7.67 -25.02 20.05
N ALA A 45 -8.53 -24.02 19.94
CA ALA A 45 -9.58 -23.83 20.94
C ALA A 45 -10.72 -23.02 20.38
N LEU A 46 -11.93 -23.55 20.61
CA LEU A 46 -13.16 -22.83 20.38
C LEU A 46 -13.85 -22.52 21.71
N TYR A 47 -14.45 -21.33 21.80
CA TYR A 47 -15.11 -20.86 23.02
C TYR A 47 -16.38 -20.07 22.68
N VAL A 48 -17.52 -20.58 23.17
CA VAL A 48 -18.83 -20.02 22.90
C VAL A 48 -19.53 -19.69 24.21
N ASN A 49 -20.50 -18.79 24.15
CA ASN A 49 -21.35 -18.51 25.29
C ASN A 49 -22.30 -19.67 25.62
N LYS A 50 -23.34 -19.87 24.84
CA LYS A 50 -24.22 -21.03 25.09
C LYS A 50 -24.86 -21.66 23.84
N SER A 51 -24.11 -21.72 22.74
CA SER A 51 -24.56 -22.48 21.58
C SER A 51 -23.92 -23.90 21.53
N VAL A 52 -24.51 -24.77 22.33
CA VAL A 52 -24.19 -26.21 22.43
C VAL A 52 -24.02 -26.97 21.12
N ASN A 53 -25.04 -26.90 20.28
CA ASN A 53 -25.08 -27.68 19.06
C ASN A 53 -24.09 -27.15 18.03
N GLU A 54 -24.11 -25.83 17.83
CA GLU A 54 -23.16 -25.18 16.91
C GLU A 54 -21.70 -25.47 17.27
N LEU A 55 -21.35 -25.29 18.53
CA LEU A 55 -20.02 -25.62 19.00
C LEU A 55 -19.68 -27.07 18.67
N TYR A 56 -20.62 -27.98 18.94
CA TYR A 56 -20.42 -29.40 18.71
C TYR A 56 -20.09 -29.62 17.25
N GLU A 57 -20.85 -28.94 16.40
CA GLU A 57 -20.71 -29.00 14.94
C GLU A 57 -19.36 -28.41 14.49
N GLN A 58 -18.95 -27.28 15.05
CA GLN A 58 -17.61 -26.75 14.75
C GLN A 58 -16.48 -27.66 15.26
N ALA A 59 -16.72 -28.27 16.42
CA ALA A 59 -15.73 -29.13 17.04
C ALA A 59 -15.46 -30.35 16.16
N ARG A 60 -16.53 -30.83 15.55
CA ARG A 60 -16.51 -32.01 14.71
C ARG A 60 -15.66 -31.73 13.49
N GLU A 61 -15.77 -30.49 13.01
CA GLU A 61 -15.00 -30.09 11.85
C GLU A 61 -13.54 -29.78 12.21
N PHE A 62 -13.32 -28.87 13.15
CA PHE A 62 -11.96 -28.34 13.39
C PHE A 62 -11.15 -29.10 14.42
N LEU A 63 -11.87 -29.90 15.21
CA LEU A 63 -11.26 -30.81 16.15
C LEU A 63 -10.20 -30.11 17.03
N PRO A 64 -10.61 -29.04 17.72
CA PRO A 64 -9.63 -28.35 18.55
C PRO A 64 -9.30 -29.17 19.80
N GLU A 65 -8.15 -28.87 20.38
CA GLU A 65 -7.67 -29.54 21.57
C GLU A 65 -8.49 -29.08 22.78
N TYR A 66 -8.93 -27.82 22.74
CA TYR A 66 -9.75 -27.26 23.81
C TYR A 66 -11.11 -26.85 23.33
N LEU A 67 -12.14 -27.25 24.07
CA LEU A 67 -13.47 -26.68 23.90
C LEU A 67 -13.88 -26.04 25.21
N CYS A 68 -14.55 -24.90 25.13
CA CYS A 68 -15.06 -24.23 26.31
C CYS A 68 -16.40 -23.55 26.05
N ILE A 69 -17.38 -23.87 26.89
CA ILE A 69 -18.67 -23.20 26.85
C ILE A 69 -18.86 -22.42 28.14
N HIS A 70 -19.30 -21.18 28.01
CA HIS A 70 -19.45 -20.29 29.15
C HIS A 70 -20.56 -20.70 30.14
N ASP A 71 -21.77 -20.81 29.62
CA ASP A 71 -22.90 -21.28 30.42
C ASP A 71 -22.70 -22.70 30.93
N LYS A 72 -22.49 -22.79 32.23
CA LYS A 72 -22.23 -24.04 32.93
C LYS A 72 -23.39 -25.02 32.82
N SER A 73 -24.60 -24.51 32.58
CA SER A 73 -25.80 -25.34 32.55
C SER A 73 -25.75 -26.40 31.43
N VAL A 74 -24.99 -26.08 30.37
CA VAL A 74 -24.93 -26.94 29.17
C VAL A 74 -23.62 -27.74 29.05
N TYR A 75 -22.76 -27.59 30.05
CA TYR A 75 -21.44 -28.18 30.03
C TYR A 75 -21.49 -29.72 29.95
N GLU A 76 -22.47 -30.30 30.60
CA GLU A 76 -22.62 -31.76 30.61
C GLU A 76 -23.18 -32.22 29.27
N GLU A 77 -24.16 -31.46 28.78
CA GLU A 77 -24.76 -31.70 27.46
C GLU A 77 -23.69 -31.73 26.35
N LEU A 78 -22.82 -30.71 26.37
CA LEU A 78 -21.68 -30.61 25.46
C LEU A 78 -20.77 -31.85 25.48
N LYS A 79 -20.43 -32.31 26.68
CA LYS A 79 -19.65 -33.54 26.83
C LYS A 79 -20.33 -34.77 26.18
N GLU A 80 -21.66 -34.82 26.25
CA GLU A 80 -22.42 -35.94 25.70
C GLU A 80 -22.31 -35.88 24.16
N LEU A 81 -22.40 -34.66 23.62
CA LEU A 81 -22.40 -34.43 22.17
C LEU A 81 -21.08 -34.87 21.51
N VAL A 82 -19.98 -34.42 22.12
CA VAL A 82 -18.63 -34.59 21.59
C VAL A 82 -18.09 -36.03 21.72
N LYS A 83 -18.74 -36.80 22.57
CA LYS A 83 -18.51 -38.24 22.68
C LYS A 83 -18.69 -38.94 21.34
N ASN A 84 -19.59 -38.39 20.53
CA ASN A 84 -19.91 -38.94 19.20
C ASN A 84 -19.01 -38.52 18.04
N ILE A 85 -17.99 -37.74 18.36
CA ILE A 85 -16.98 -37.40 17.40
C ILE A 85 -15.85 -38.40 17.57
N LYS A 86 -15.55 -39.14 16.52
CA LYS A 86 -14.56 -40.19 16.66
C LYS A 86 -13.16 -39.62 16.82
N ASP A 87 -12.31 -40.43 17.44
CA ASP A 87 -10.87 -40.20 17.47
C ASP A 87 -10.60 -38.78 17.94
N TYR A 88 -11.42 -38.38 18.89
CA TYR A 88 -11.40 -37.03 19.39
C TYR A 88 -11.65 -37.08 20.89
N LYS A 89 -10.75 -36.45 21.64
CA LYS A 89 -10.88 -36.36 23.09
C LYS A 89 -10.27 -35.07 23.55
N PRO A 90 -11.01 -33.96 23.35
CA PRO A 90 -10.46 -32.66 23.64
C PRO A 90 -10.57 -32.37 25.13
N ILE A 91 -9.96 -31.27 25.55
CA ILE A 91 -10.05 -30.81 26.93
C ILE A 91 -11.23 -29.88 27.00
N ILE A 92 -12.30 -30.35 27.66
CA ILE A 92 -13.55 -29.60 27.71
C ILE A 92 -13.69 -28.83 29.03
N LEU A 93 -13.89 -27.51 28.91
CA LEU A 93 -13.96 -26.60 30.05
C LEU A 93 -15.24 -25.78 30.03
N CYS A 94 -15.41 -24.89 31.00
CA CYS A 94 -16.53 -23.92 30.97
C CYS A 94 -16.27 -22.67 31.78
N GLY A 95 -17.10 -21.66 31.52
CA GLY A 95 -16.96 -20.34 32.13
C GLY A 95 -15.57 -19.75 32.04
N ASP A 96 -15.39 -18.64 32.76
CA ASP A 96 -14.12 -17.89 32.76
C ASP A 96 -12.89 -18.73 33.06
N GLU A 97 -13.05 -19.81 33.79
CA GLU A 97 -11.90 -20.66 34.12
C GLU A 97 -11.36 -21.37 32.87
N GLY A 98 -12.28 -21.87 32.05
CA GLY A 98 -11.90 -22.49 30.79
C GLY A 98 -11.22 -21.48 29.89
N MET A 99 -11.78 -20.27 29.87
CA MET A 99 -11.24 -19.13 29.15
C MET A 99 -9.77 -18.91 29.51
N LYS A 100 -9.51 -18.75 30.81
CA LYS A 100 -8.16 -18.45 31.29
C LYS A 100 -7.19 -19.59 31.03
N GLU A 101 -7.68 -20.81 31.16
CA GLU A 101 -6.85 -21.98 30.96
C GLU A 101 -6.41 -22.04 29.50
N ILE A 102 -7.37 -21.79 28.61
CA ILE A 102 -7.07 -21.71 27.18
C ILE A 102 -6.02 -20.63 26.94
N CYS A 103 -6.22 -19.45 27.53
CA CYS A 103 -5.26 -18.34 27.36
C CYS A 103 -3.87 -18.68 27.84
N SER A 104 -3.77 -19.59 28.80
CA SER A 104 -2.48 -19.94 29.37
C SER A 104 -1.74 -21.02 28.59
N SER A 105 -2.44 -21.71 27.69
CA SER A 105 -1.79 -22.78 26.92
C SER A 105 -0.65 -22.25 26.05
N ASN A 106 0.51 -22.90 26.19
CA ASN A 106 1.67 -22.62 25.36
C ASN A 106 1.45 -23.04 23.91
N SER A 107 0.47 -23.91 23.69
CA SER A 107 0.13 -24.39 22.35
C SER A 107 -0.75 -23.42 21.55
N ILE A 108 -1.02 -22.25 22.11
CA ILE A 108 -1.87 -21.28 21.43
C ILE A 108 -1.10 -19.99 21.23
N ASP A 109 -1.05 -19.52 19.99
CA ASP A 109 -0.23 -18.34 19.64
C ASP A 109 -1.07 -17.07 19.41
N LYS A 110 -2.27 -17.27 18.90
CA LYS A 110 -3.13 -16.14 18.51
C LYS A 110 -4.55 -16.40 18.92
N ILE A 111 -5.21 -15.37 19.41
CA ILE A 111 -6.56 -15.52 19.87
C ILE A 111 -7.44 -14.52 19.12
N VAL A 112 -8.43 -15.04 18.42
CA VAL A 112 -9.43 -14.18 17.80
C VAL A 112 -10.48 -13.87 18.83
N ILE A 113 -10.61 -12.59 19.10
CA ILE A 113 -11.56 -12.16 20.12
C ILE A 113 -12.86 -11.75 19.47
N GLY A 114 -13.82 -12.66 19.50
CA GLY A 114 -15.09 -12.43 18.82
C GLY A 114 -16.25 -12.28 19.79
N ILE A 115 -15.96 -11.60 20.90
CA ILE A 115 -16.94 -11.33 21.94
C ILE A 115 -16.98 -9.83 22.20
N ASP A 116 -18.15 -9.35 22.60
CA ASP A 116 -18.31 -7.94 22.89
C ASP A 116 -18.50 -7.72 24.40
N SER A 117 -18.64 -6.47 24.78
CA SER A 117 -19.00 -6.09 26.15
C SER A 117 -17.86 -6.44 27.10
N PHE A 118 -18.09 -6.37 28.40
CA PHE A 118 -17.00 -6.58 29.34
C PHE A 118 -16.33 -7.93 29.15
N GLN A 119 -17.14 -8.92 28.82
CA GLN A 119 -16.70 -10.29 28.77
C GLN A 119 -15.57 -10.42 27.74
N GLY A 120 -15.63 -9.57 26.73
CA GLY A 120 -14.64 -9.57 25.67
C GLY A 120 -13.38 -8.86 26.08
N LEU A 121 -13.56 -7.80 26.88
CA LEU A 121 -12.43 -7.09 27.48
C LEU A 121 -11.68 -7.98 28.47
N TYR A 122 -12.43 -8.79 29.20
CA TYR A 122 -11.87 -9.71 30.19
C TYR A 122 -11.02 -10.76 29.48
N SER A 123 -11.56 -11.27 28.37
CA SER A 123 -10.86 -12.25 27.56
C SER A 123 -9.61 -11.62 26.95
N THR A 124 -9.74 -10.39 26.44
CA THR A 124 -8.58 -9.66 25.90
C THR A 124 -7.46 -9.52 26.94
N MET A 125 -7.83 -9.09 28.13
CA MET A 125 -6.88 -8.93 29.22
C MET A 125 -6.08 -10.20 29.46
N TYR A 126 -6.80 -11.32 29.61
CA TYR A 126 -6.17 -12.61 29.87
C TYR A 126 -5.32 -13.09 28.71
N ALA A 127 -5.76 -12.82 27.49
CA ALA A 127 -4.93 -13.09 26.32
C ALA A 127 -3.62 -12.29 26.38
N ILE A 128 -3.72 -11.00 26.69
CA ILE A 128 -2.52 -10.15 26.84
C ILE A 128 -1.62 -10.55 28.02
N MET A 129 -2.23 -10.85 29.16
CA MET A 129 -1.45 -11.24 30.34
C MET A 129 -0.65 -12.49 30.03
N ASN A 130 -1.14 -13.28 29.07
CA ASN A 130 -0.44 -14.48 28.58
C ASN A 130 0.46 -14.27 27.37
N ASN A 131 0.70 -13.00 27.02
CA ASN A 131 1.63 -12.62 25.96
C ASN A 131 1.26 -13.09 24.55
N LYS A 132 -0.04 -13.28 24.31
CA LYS A 132 -0.47 -13.77 23.02
C LYS A 132 -0.64 -12.65 22.03
N ILE A 133 -0.74 -13.05 20.78
CA ILE A 133 -1.29 -12.20 19.75
C ILE A 133 -2.80 -12.26 19.79
N VAL A 134 -3.38 -11.08 19.90
CA VAL A 134 -4.80 -10.88 20.00
C VAL A 134 -5.35 -10.19 18.75
N ALA A 135 -6.15 -10.95 18.01
CA ALA A 135 -6.84 -10.42 16.86
C ALA A 135 -8.16 -9.86 17.38
N LEU A 136 -8.20 -8.54 17.49
CA LEU A 136 -9.28 -7.88 18.20
C LEU A 136 -10.28 -7.23 17.25
N ALA A 137 -11.48 -7.81 17.22
CA ALA A 137 -12.55 -7.37 16.34
C ALA A 137 -13.63 -6.60 17.09
N ASN A 138 -13.23 -5.82 18.08
CA ASN A 138 -14.21 -5.15 18.90
C ASN A 138 -13.66 -3.80 19.41
N LYS A 139 -14.02 -2.76 18.66
CA LYS A 139 -13.40 -1.44 18.76
C LYS A 139 -13.88 -0.66 19.98
N GLU A 140 -14.97 -1.13 20.57
CA GLU A 140 -15.55 -0.47 21.70
C GLU A 140 -14.63 -0.59 22.89
N SER A 141 -13.92 -1.70 22.97
CA SER A 141 -13.00 -1.89 24.07
C SER A 141 -11.80 -0.98 23.89
N ILE A 142 -11.36 -0.74 22.66
CA ILE A 142 -10.19 0.14 22.47
C ILE A 142 -10.57 1.55 22.79
N VAL A 143 -11.75 1.96 22.33
CA VAL A 143 -12.26 3.30 22.53
C VAL A 143 -12.48 3.61 24.02
N SER A 144 -13.10 2.67 24.71
CA SER A 144 -13.49 2.84 26.10
C SER A 144 -12.32 2.55 27.05
N ALA A 145 -11.49 1.56 26.71
CA ALA A 145 -10.49 1.03 27.66
C ALA A 145 -9.09 1.18 27.11
N GLY A 146 -8.94 2.12 26.18
CA GLY A 146 -7.66 2.37 25.52
C GLY A 146 -6.52 2.50 26.50
N PHE A 147 -6.74 3.28 27.55
CA PHE A 147 -5.72 3.52 28.56
C PHE A 147 -5.25 2.24 29.22
N PHE A 148 -6.23 1.43 29.62
CA PHE A 148 -6.00 0.18 30.33
C PHE A 148 -5.27 -0.81 29.43
N LEU A 149 -5.69 -0.91 28.17
CA LEU A 149 -5.04 -1.84 27.25
C LEU A 149 -3.61 -1.42 27.03
N LYS A 150 -3.39 -0.12 26.87
CA LYS A 150 -2.05 0.43 26.68
C LYS A 150 -1.11 0.15 27.86
N LYS A 151 -1.55 0.49 29.06
CA LYS A 151 -0.82 0.11 30.26
C LYS A 151 -0.47 -1.38 30.29
N LEU A 152 -1.48 -2.21 30.04
CA LEU A 152 -1.35 -3.66 30.05
C LEU A 152 -0.31 -4.14 29.03
N LEU A 153 -0.33 -3.56 27.84
CA LEU A 153 0.59 -3.97 26.76
C LEU A 153 2.04 -3.54 27.07
N ASN A 154 2.21 -2.49 27.85
CA ASN A 154 3.54 -2.11 28.35
C ASN A 154 4.14 -3.13 29.30
N ILE A 155 3.28 -3.76 30.07
CA ILE A 155 3.69 -4.72 31.09
C ILE A 155 3.96 -6.07 30.47
N HIS A 156 3.08 -6.50 29.58
CA HIS A 156 3.27 -7.78 28.92
C HIS A 156 3.84 -7.50 27.54
N LYS A 157 5.16 -7.51 27.50
CA LYS A 157 5.92 -6.95 26.39
C LYS A 157 5.75 -7.76 25.13
N ASN A 158 5.53 -9.06 25.28
CA ASN A 158 5.39 -9.91 24.12
C ASN A 158 3.97 -10.03 23.59
N ALA A 159 3.00 -9.50 24.34
CA ALA A 159 1.61 -9.48 23.88
C ALA A 159 1.46 -8.48 22.76
N LYS A 160 0.64 -8.85 21.78
CA LYS A 160 0.34 -7.93 20.69
C LYS A 160 -1.15 -7.92 20.36
N ILE A 161 -1.65 -6.72 20.11
CA ILE A 161 -2.96 -6.54 19.51
C ILE A 161 -2.77 -6.29 18.03
N ILE A 162 -3.46 -7.10 17.23
CA ILE A 162 -3.52 -6.89 15.79
C ILE A 162 -4.95 -6.49 15.45
N PRO A 163 -5.13 -5.37 14.75
CA PRO A 163 -6.46 -4.84 14.44
C PRO A 163 -7.22 -5.69 13.41
N VAL A 164 -8.50 -5.88 13.63
CA VAL A 164 -9.33 -6.63 12.68
C VAL A 164 -10.39 -5.74 12.04
N ASP A 165 -10.85 -4.74 12.77
CA ASP A 165 -11.74 -3.74 12.20
C ASP A 165 -11.12 -3.33 10.87
N SER A 166 -11.93 -3.36 9.80
CA SER A 166 -11.37 -3.43 8.45
C SER A 166 -10.56 -2.20 8.03
N GLU A 167 -10.92 -1.00 8.49
CA GLU A 167 -10.14 0.21 8.18
C GLU A 167 -8.80 0.15 8.89
N HIS A 168 -8.77 -0.50 10.05
CA HIS A 168 -7.55 -0.50 10.85
C HIS A 168 -6.63 -1.60 10.36
N SER A 169 -7.24 -2.71 9.98
CA SER A 169 -6.51 -3.74 9.24
C SER A 169 -5.86 -3.16 7.99
N ALA A 170 -6.62 -2.41 7.22
CA ALA A 170 -6.11 -1.80 5.99
C ALA A 170 -4.85 -0.97 6.26
N ILE A 171 -4.99 -0.05 7.20
CA ILE A 171 -3.90 0.82 7.64
C ILE A 171 -2.69 0.00 8.10
N PHE A 172 -2.96 -1.08 8.81
CA PHE A 172 -1.90 -1.94 9.30
C PHE A 172 -1.24 -2.65 8.11
N GLN A 173 -2.04 -3.00 7.11
CA GLN A 173 -1.52 -3.68 5.91
C GLN A 173 -0.66 -2.74 5.07
N CYS A 174 -0.80 -1.44 5.31
CA CYS A 174 -0.12 -0.42 4.54
C CYS A 174 1.22 -0.08 5.15
N LEU A 175 1.53 -0.72 6.27
CA LEU A 175 2.77 -0.45 6.97
C LEU A 175 3.89 -1.44 6.65
N ASP A 176 5.11 -0.95 6.71
CA ASP A 176 6.32 -1.70 6.47
C ASP A 176 6.66 -2.54 7.70
N ASN A 177 6.46 -3.86 7.64
CA ASN A 177 6.70 -4.70 8.83
C ASN A 177 8.14 -4.68 9.33
N ASN A 178 9.07 -4.23 8.52
CA ASN A 178 10.43 -3.96 8.99
C ASN A 178 10.39 -2.99 10.17
N LYS A 179 9.46 -2.05 10.11
CA LYS A 179 9.23 -1.05 11.15
C LYS A 179 8.24 -1.54 12.20
N VAL A 180 7.07 -1.98 11.75
CA VAL A 180 6.07 -2.53 12.67
C VAL A 180 6.73 -3.44 13.73
N LEU A 181 7.66 -4.30 13.30
CA LEU A 181 8.24 -5.30 14.20
C LEU A 181 9.16 -4.72 15.28
N LYS A 182 9.63 -3.48 15.07
CA LYS A 182 10.37 -2.72 16.09
C LYS A 182 9.49 -2.08 17.18
N THR A 183 8.18 -2.17 17.04
CA THR A 183 7.25 -1.52 17.97
C THR A 183 5.98 -2.40 18.03
N LYS A 184 4.84 -1.84 18.38
CA LYS A 184 3.59 -2.60 18.32
C LYS A 184 2.41 -1.67 18.50
N CYS A 185 1.24 -2.17 18.16
CA CYS A 185 0.01 -1.36 18.22
C CYS A 185 -0.31 -1.00 19.65
N LEU A 186 -0.99 0.12 19.83
CA LEU A 186 -1.39 0.60 21.14
C LEU A 186 -0.19 0.91 22.00
N GLN A 187 0.85 1.47 21.40
CA GLN A 187 2.06 1.79 22.12
C GLN A 187 2.60 3.14 21.70
N ASP A 188 3.04 3.95 22.66
CA ASP A 188 3.66 5.24 22.32
C ASP A 188 4.77 5.05 21.30
N ASN A 189 4.86 6.00 20.39
CA ASN A 189 5.89 6.05 19.35
C ASN A 189 5.61 5.22 18.08
N PHE A 190 4.50 4.49 18.02
CA PHE A 190 4.19 3.68 16.84
C PHE A 190 4.25 4.52 15.58
N SER A 191 3.66 5.69 15.64
CA SER A 191 3.65 6.60 14.51
C SER A 191 5.05 7.06 14.08
N LYS A 192 5.93 7.36 15.03
CA LYS A 192 7.27 7.83 14.70
C LYS A 192 8.09 6.73 14.03
N ILE A 193 8.00 5.54 14.62
CA ILE A 193 8.74 4.42 14.13
C ILE A 193 8.25 3.99 12.75
N ASN A 194 6.96 4.15 12.46
CA ASN A 194 6.50 3.81 11.11
C ASN A 194 6.47 4.96 10.10
N ASN A 195 6.99 6.13 10.47
CA ASN A 195 7.01 7.31 9.58
C ASN A 195 5.63 7.73 9.11
N ILE A 196 4.63 7.50 9.96
CA ILE A 196 3.26 7.83 9.63
C ILE A 196 3.01 9.29 9.92
N ASN A 197 2.45 10.00 8.94
CA ASN A 197 2.17 11.43 9.11
C ASN A 197 0.69 11.73 9.25
N LYS A 198 -0.13 11.03 8.48
CA LYS A 198 -1.56 11.29 8.49
C LYS A 198 -2.32 10.04 8.08
N ILE A 199 -3.58 9.93 8.49
CA ILE A 199 -4.44 8.81 8.10
C ILE A 199 -5.69 9.29 7.34
N PHE A 200 -5.95 8.68 6.16
CA PHE A 200 -7.27 8.74 5.52
C PHE A 200 -8.08 7.56 6.02
N LEU A 201 -9.11 7.86 6.79
CA LEU A 201 -9.99 6.85 7.35
C LEU A 201 -11.25 6.86 6.54
N CYS A 202 -11.38 5.85 5.69
CA CYS A 202 -12.47 5.78 4.74
C CYS A 202 -13.75 5.24 5.40
N SER A 203 -14.88 5.76 4.93
CA SER A 203 -16.20 5.37 5.39
C SER A 203 -17.09 5.17 4.19
N SER A 204 -18.02 4.23 4.30
CA SER A 204 -19.01 3.97 3.28
C SER A 204 -19.94 5.17 3.18
N GLY A 205 -20.07 5.89 4.30
CA GLY A 205 -20.98 7.05 4.39
C GLY A 205 -22.39 6.71 4.85
N GLY A 206 -22.74 5.43 4.84
CA GLY A 206 -24.07 4.98 5.23
C GLY A 206 -25.09 5.42 4.18
N PRO A 207 -26.38 5.22 4.47
CA PRO A 207 -27.38 5.51 3.44
C PRO A 207 -27.88 6.95 3.39
N PHE A 208 -27.41 7.80 4.30
CA PHE A 208 -27.99 9.15 4.41
C PHE A 208 -27.13 10.30 3.84
N GLN A 209 -26.09 9.98 3.09
CA GLN A 209 -25.15 11.01 2.63
C GLN A 209 -25.79 12.17 1.83
N ASN A 210 -26.84 11.88 1.08
CA ASN A 210 -27.37 12.90 0.18
C ASN A 210 -28.57 13.66 0.79
N LEU A 211 -28.98 13.26 1.98
CA LEU A 211 -30.15 13.83 2.64
C LEU A 211 -29.88 15.23 3.19
N THR A 212 -30.86 16.10 3.11
CA THR A 212 -30.81 17.42 3.72
C THR A 212 -31.03 17.31 5.22
N MET A 213 -30.68 18.39 5.93
CA MET A 213 -30.90 18.45 7.35
C MET A 213 -32.37 18.11 7.69
N ASP A 214 -33.31 18.57 6.86
CA ASP A 214 -34.74 18.40 7.15
C ASP A 214 -35.18 16.96 6.97
N GLU A 215 -34.67 16.30 5.93
CA GLU A 215 -34.93 14.89 5.74
C GLU A 215 -34.26 14.12 6.87
N LEU A 216 -33.06 14.53 7.24
CA LEU A 216 -32.36 13.82 8.32
C LEU A 216 -33.20 13.81 9.58
N LYS A 217 -33.83 14.94 9.88
CA LYS A 217 -34.65 15.05 11.07
C LYS A 217 -35.63 13.92 11.24
N ASN A 218 -36.10 13.39 10.13
CA ASN A 218 -37.18 12.41 10.19
C ASN A 218 -36.77 11.01 9.82
N VAL A 219 -35.48 10.72 9.65
CA VAL A 219 -35.14 9.35 9.28
C VAL A 219 -35.34 8.35 10.41
N THR A 220 -35.68 7.13 10.04
CA THR A 220 -35.97 6.06 11.00
C THR A 220 -34.96 4.94 10.95
N SER A 221 -35.00 4.07 11.97
CA SER A 221 -34.15 2.90 11.95
C SER A 221 -34.47 2.05 10.73
N GLU A 222 -35.74 2.03 10.29
CA GLU A 222 -36.04 1.31 9.04
C GLU A 222 -35.26 1.89 7.84
N ASN A 223 -35.25 3.21 7.70
CA ASN A 223 -34.39 3.83 6.68
C ASN A 223 -32.92 3.41 6.83
N ALA A 224 -32.44 3.37 8.07
CA ALA A 224 -31.03 3.08 8.36
C ALA A 224 -30.61 1.68 7.93
N LEU A 225 -31.51 0.72 8.09
CA LEU A 225 -31.26 -0.69 7.77
C LEU A 225 -31.53 -1.06 6.29
N LYS A 226 -31.39 -0.08 5.40
CA LYS A 226 -31.44 -0.34 3.96
C LYS A 226 -30.08 -0.03 3.33
N HIS A 227 -29.88 -0.62 2.16
CA HIS A 227 -28.69 -0.43 1.35
C HIS A 227 -27.46 -0.99 2.09
N PRO A 228 -27.60 -2.20 2.67
CA PRO A 228 -26.45 -2.72 3.42
C PRO A 228 -25.27 -3.06 2.51
N LYS A 229 -24.24 -2.23 2.56
CA LYS A 229 -23.03 -2.41 1.74
C LYS A 229 -22.05 -3.45 2.28
N TRP A 230 -22.07 -3.63 3.60
CA TRP A 230 -21.46 -4.80 4.22
C TRP A 230 -22.55 -5.59 4.94
N LYS A 231 -22.32 -6.87 5.15
CA LYS A 231 -23.25 -7.73 5.90
C LYS A 231 -22.99 -7.60 7.38
N MET A 232 -23.86 -6.88 8.09
CA MET A 232 -23.54 -6.46 9.45
C MET A 232 -24.73 -6.46 10.41
N GLY A 233 -24.41 -6.52 11.70
CA GLY A 233 -25.40 -6.46 12.77
C GLY A 233 -26.07 -5.10 12.89
N LYS A 234 -27.17 -5.07 13.63
CA LYS A 234 -28.02 -3.89 13.71
C LYS A 234 -27.33 -2.68 14.31
N LYS A 235 -26.57 -2.92 15.37
CA LYS A 235 -26.01 -1.85 16.19
C LYS A 235 -24.99 -1.02 15.37
N ILE A 236 -24.10 -1.71 14.68
CA ILE A 236 -23.06 -1.04 13.90
C ILE A 236 -23.67 -0.43 12.63
N THR A 237 -24.77 -1.00 12.17
CA THR A 237 -25.50 -0.43 11.03
C THR A 237 -26.08 0.96 11.39
N ILE A 238 -26.63 1.09 12.59
CA ILE A 238 -27.11 2.40 13.05
C ILE A 238 -25.93 3.37 13.23
N ASP A 239 -24.82 2.84 13.69
CA ASP A 239 -23.63 3.65 13.91
C ASP A 239 -23.07 4.09 12.57
N SER A 240 -23.23 3.25 11.55
CA SER A 240 -22.79 3.60 10.20
C SER A 240 -23.65 4.74 9.66
N ALA A 241 -24.93 4.65 9.93
CA ALA A 241 -25.89 5.66 9.47
C ALA A 241 -25.64 7.04 10.08
N THR A 242 -25.22 7.06 11.35
CA THR A 242 -25.02 8.32 12.06
C THR A 242 -23.58 8.79 11.86
N MET A 243 -22.78 7.87 11.32
CA MET A 243 -21.32 7.99 11.24
C MET A 243 -20.67 8.03 12.63
N MET A 244 -21.40 7.59 13.67
CA MET A 244 -20.76 7.40 14.96
C MET A 244 -19.76 6.26 14.81
N ASN A 245 -20.05 5.31 13.94
CA ASN A 245 -19.08 4.25 13.72
C ASN A 245 -17.72 4.86 13.35
N LYS A 246 -17.70 5.73 12.36
CA LYS A 246 -16.45 6.33 11.99
C LYS A 246 -15.83 7.12 13.14
N GLY A 247 -16.67 7.75 13.96
CA GLY A 247 -16.18 8.52 15.10
C GLY A 247 -15.37 7.70 16.07
N LEU A 248 -15.98 6.60 16.49
CA LEU A 248 -15.35 5.64 17.37
C LEU A 248 -14.05 5.16 16.77
N GLU A 249 -14.11 4.84 15.48
CA GLU A 249 -12.96 4.39 14.70
C GLU A 249 -11.87 5.45 14.58
N VAL A 250 -12.25 6.72 14.68
CA VAL A 250 -11.25 7.77 14.74
C VAL A 250 -10.42 7.64 16.02
N ILE A 251 -11.13 7.41 17.12
CA ILE A 251 -10.47 7.26 18.41
C ILE A 251 -9.66 5.94 18.37
N GLU A 252 -10.25 4.91 17.78
CA GLU A 252 -9.57 3.62 17.67
C GLU A 252 -8.22 3.77 16.96
N THR A 253 -8.19 4.66 15.97
CA THR A 253 -7.02 4.91 15.15
C THR A 253 -5.97 5.64 15.99
N HIS A 254 -6.44 6.62 16.74
CA HIS A 254 -5.60 7.35 17.66
C HIS A 254 -4.86 6.38 18.56
N PHE A 255 -5.61 5.43 19.09
CA PHE A 255 -5.04 4.55 20.10
C PHE A 255 -4.18 3.44 19.49
N LEU A 256 -4.61 2.86 18.38
CA LEU A 256 -3.83 1.79 17.79
C LEU A 256 -2.51 2.28 17.21
N PHE A 257 -2.48 3.49 16.66
CA PHE A 257 -1.33 3.89 15.84
C PHE A 257 -0.65 5.18 16.26
N ASP A 258 -1.07 5.69 17.41
CA ASP A 258 -0.50 6.89 17.99
C ASP A 258 -0.46 8.03 17.01
N VAL A 259 -1.59 8.25 16.35
CA VAL A 259 -1.75 9.34 15.41
C VAL A 259 -2.61 10.41 16.05
N ASP A 260 -2.13 11.66 16.00
CA ASP A 260 -2.85 12.80 16.57
C ASP A 260 -4.20 12.97 15.86
N TYR A 261 -5.15 13.53 16.57
CA TYR A 261 -6.51 13.63 16.03
C TYR A 261 -6.57 14.58 14.84
N ASN A 262 -5.75 15.62 14.90
CA ASN A 262 -5.59 16.54 13.79
C ASN A 262 -5.20 15.84 12.51
N ASP A 263 -4.55 14.69 12.65
CA ASP A 263 -3.99 13.96 11.51
C ASP A 263 -4.81 12.75 11.06
N ILE A 264 -6.04 12.64 11.54
CA ILE A 264 -6.94 11.59 11.10
C ILE A 264 -8.08 12.26 10.34
N GLU A 265 -8.15 11.99 9.04
CA GLU A 265 -9.17 12.60 8.17
C GLU A 265 -10.18 11.55 7.71
N VAL A 266 -11.43 11.79 8.06
CA VAL A 266 -12.50 10.87 7.65
C VAL A 266 -12.87 11.22 6.22
N ILE A 267 -12.92 10.19 5.37
CA ILE A 267 -13.20 10.38 3.97
C ILE A 267 -14.33 9.41 3.61
N VAL A 268 -15.35 9.95 2.94
CA VAL A 268 -16.49 9.15 2.49
C VAL A 268 -16.22 8.54 1.15
N HIS A 269 -16.16 7.22 1.13
CA HIS A 269 -15.88 6.47 -0.07
C HIS A 269 -16.96 5.39 -0.27
N LYS A 270 -17.94 5.72 -1.10
CA LYS A 270 -19.17 4.92 -1.12
C LYS A 270 -19.04 3.56 -1.80
N GLU A 271 -18.00 3.36 -2.58
CA GLU A 271 -17.86 2.08 -3.28
C GLU A 271 -17.23 1.01 -2.39
N CYS A 272 -16.56 1.44 -1.31
CA CYS A 272 -16.02 0.51 -0.29
C CYS A 272 -15.03 -0.47 -0.87
N ILE A 273 -14.07 0.11 -1.59
CA ILE A 273 -13.01 -0.66 -2.23
C ILE A 273 -11.71 -0.27 -1.53
N ILE A 274 -11.37 1.02 -1.53
CA ILE A 274 -10.26 1.49 -0.71
C ILE A 274 -10.70 1.54 0.73
N HIS A 275 -10.01 0.78 1.58
CA HIS A 275 -10.52 0.57 2.93
C HIS A 275 -9.90 1.45 3.97
N SER A 276 -8.77 2.06 3.63
CA SER A 276 -8.21 3.24 4.28
C SER A 276 -6.80 3.47 3.70
N CYS A 277 -6.19 4.61 4.02
CA CYS A 277 -4.89 4.98 3.44
C CYS A 277 -3.95 5.57 4.48
N VAL A 278 -2.65 5.29 4.35
CA VAL A 278 -1.66 5.90 5.24
C VAL A 278 -0.77 6.87 4.45
N GLU A 279 -0.66 8.11 4.92
CA GLU A 279 0.26 9.07 4.32
C GLU A 279 1.51 9.10 5.15
N PHE A 280 2.65 8.80 4.54
CA PHE A 280 3.90 8.76 5.28
C PHE A 280 4.53 10.15 5.25
N ILE A 281 5.61 10.35 6.01
CA ILE A 281 6.15 11.70 6.18
C ILE A 281 6.75 12.32 4.92
N ASP A 282 6.99 11.54 3.88
CA ASP A 282 7.43 12.11 2.60
C ASP A 282 6.22 12.57 1.79
N LYS A 283 5.05 12.19 2.28
CA LYS A 283 3.74 12.49 1.67
C LYS A 283 3.26 11.39 0.75
N SER A 284 4.08 10.36 0.56
CA SER A 284 3.61 9.23 -0.21
C SER A 284 2.45 8.59 0.53
N VAL A 285 1.45 8.13 -0.20
CA VAL A 285 0.30 7.50 0.41
C VAL A 285 0.17 6.05 -0.03
N ILE A 286 -0.10 5.17 0.91
CA ILE A 286 -0.26 3.77 0.58
C ILE A 286 -1.63 3.33 1.03
N SER A 287 -2.32 2.53 0.21
CA SER A 287 -3.69 2.13 0.52
C SER A 287 -3.92 0.64 0.34
N GLN A 288 -4.95 0.15 0.99
CA GLN A 288 -5.35 -1.22 0.80
C GLN A 288 -6.73 -1.26 0.17
N MET A 289 -6.88 -2.06 -0.86
CA MET A 289 -8.14 -2.17 -1.56
C MET A 289 -8.61 -3.58 -1.60
N TYR A 290 -9.91 -3.74 -1.62
CA TYR A 290 -10.48 -5.01 -1.98
C TYR A 290 -12.00 -4.87 -1.92
N TYR A 291 -12.71 -5.90 -2.38
CA TYR A 291 -14.16 -5.91 -2.24
C TYR A 291 -14.51 -5.74 -0.76
N PRO A 292 -15.69 -5.19 -0.48
CA PRO A 292 -16.07 -5.16 0.93
C PRO A 292 -16.28 -6.59 1.42
N ASP A 293 -15.34 -7.05 2.23
CA ASP A 293 -15.42 -8.41 2.79
C ASP A 293 -14.64 -8.39 4.08
N MET A 294 -15.13 -9.09 5.10
CA MET A 294 -14.45 -9.08 6.37
C MET A 294 -13.41 -10.19 6.45
N GLN A 295 -13.30 -11.00 5.39
CA GLN A 295 -12.40 -12.14 5.43
C GLN A 295 -10.93 -11.77 5.36
N ILE A 296 -10.56 -10.79 4.55
CA ILE A 296 -9.14 -10.42 4.47
C ILE A 296 -8.62 -9.93 5.81
N PRO A 297 -9.36 -9.03 6.48
CA PRO A 297 -8.79 -8.48 7.71
C PRO A 297 -8.61 -9.54 8.81
N ILE A 298 -9.63 -10.36 9.04
CA ILE A 298 -9.51 -11.48 9.97
C ILE A 298 -8.30 -12.32 9.57
N LEU A 299 -8.26 -12.70 8.31
CA LEU A 299 -7.18 -13.53 7.80
C LEU A 299 -5.81 -12.91 8.00
N TYR A 300 -5.62 -11.66 7.61
CA TYR A 300 -4.35 -11.01 7.85
C TYR A 300 -4.01 -10.93 9.35
N SER A 301 -5.01 -10.76 10.21
CA SER A 301 -4.71 -10.71 11.65
C SER A 301 -4.11 -12.04 12.14
N LEU A 302 -4.43 -13.12 11.42
CA LEU A 302 -3.95 -14.44 11.77
C LEU A 302 -2.67 -14.86 11.08
N THR A 303 -2.29 -14.16 10.01
CA THR A 303 -1.09 -14.56 9.26
C THR A 303 0.02 -13.53 9.41
N TRP A 304 -0.34 -12.30 9.78
CA TRP A 304 0.68 -11.28 9.98
C TRP A 304 1.80 -11.87 10.84
N PRO A 305 3.06 -11.58 10.49
CA PRO A 305 3.52 -10.67 9.45
C PRO A 305 3.60 -11.32 8.05
N ASP A 306 2.97 -12.48 7.89
CA ASP A 306 2.98 -13.20 6.59
C ASP A 306 1.63 -13.06 5.86
N ARG A 307 1.60 -13.56 4.63
CA ARG A 307 0.36 -13.72 3.88
C ARG A 307 0.26 -15.13 3.31
N ILE A 308 -0.96 -15.66 3.20
CA ILE A 308 -1.14 -16.98 2.63
C ILE A 308 -2.17 -16.98 1.49
N LYS A 309 -2.13 -18.02 0.69
CA LYS A 309 -2.96 -18.11 -0.51
C LYS A 309 -4.44 -18.34 -0.16
N THR A 310 -5.32 -17.62 -0.86
CA THR A 310 -6.76 -17.85 -0.79
C THR A 310 -7.40 -18.04 -2.17
N ASN A 311 -8.59 -18.62 -2.17
CA ASN A 311 -9.43 -18.71 -3.35
C ASN A 311 -10.46 -17.58 -3.44
N LEU A 312 -10.23 -16.47 -2.76
CA LEU A 312 -11.14 -15.33 -2.87
C LEU A 312 -11.14 -14.77 -4.29
N LYS A 313 -12.31 -14.30 -4.72
CA LYS A 313 -12.49 -13.62 -6.00
C LYS A 313 -11.54 -12.44 -6.18
N PRO A 314 -10.71 -12.46 -7.24
CA PRO A 314 -9.80 -11.31 -7.38
C PRO A 314 -10.51 -10.00 -7.65
N LEU A 315 -9.92 -8.93 -7.12
CA LEU A 315 -10.37 -7.58 -7.40
C LEU A 315 -10.27 -7.35 -8.89
N ASP A 316 -11.39 -6.99 -9.52
CA ASP A 316 -11.41 -6.59 -10.92
C ASP A 316 -11.60 -5.06 -10.98
N LEU A 317 -10.49 -4.33 -11.06
CA LEU A 317 -10.50 -2.87 -11.02
C LEU A 317 -11.21 -2.24 -12.21
N ALA A 318 -11.04 -2.85 -13.38
CA ALA A 318 -11.67 -2.34 -14.59
C ALA A 318 -13.18 -2.40 -14.45
N GLN A 319 -13.69 -3.49 -13.89
CA GLN A 319 -15.13 -3.62 -13.65
C GLN A 319 -15.58 -2.67 -12.55
N VAL A 320 -14.81 -2.57 -11.48
CA VAL A 320 -15.14 -1.60 -10.44
C VAL A 320 -15.23 -0.21 -11.07
N SER A 321 -14.22 0.15 -11.84
CA SER A 321 -14.30 1.26 -12.81
C SER A 321 -14.14 2.67 -12.20
N THR A 322 -14.94 2.97 -11.20
CA THR A 322 -14.94 4.31 -10.59
C THR A 322 -14.82 4.23 -9.06
N LEU A 323 -13.96 5.09 -8.50
CA LEU A 323 -13.88 5.28 -7.05
C LEU A 323 -14.10 6.76 -6.70
N THR A 324 -14.91 7.02 -5.67
CA THR A 324 -15.25 8.39 -5.27
C THR A 324 -14.88 8.72 -3.82
N PHE A 325 -14.63 10.02 -3.58
CA PHE A 325 -14.18 10.50 -2.28
C PHE A 325 -14.68 11.91 -2.01
N HIS A 326 -15.35 12.05 -0.89
CA HIS A 326 -15.68 13.38 -0.43
C HIS A 326 -15.67 13.44 1.09
N LYS A 327 -15.60 14.67 1.58
CA LYS A 327 -15.57 14.96 3.01
C LYS A 327 -16.98 14.82 3.52
N PRO A 328 -17.14 14.28 4.73
CA PRO A 328 -18.49 14.24 5.25
C PRO A 328 -18.86 15.60 5.86
N SER A 329 -20.12 16.01 5.72
CA SER A 329 -20.64 17.21 6.39
C SER A 329 -20.90 16.98 7.87
N LEU A 330 -20.19 17.74 8.67
CA LEU A 330 -20.28 17.65 10.13
C LEU A 330 -21.62 18.13 10.67
N GLU A 331 -22.29 19.03 9.95
CA GLU A 331 -23.62 19.50 10.33
C GLU A 331 -24.63 18.35 10.19
N HIS A 332 -24.41 17.47 9.22
CA HIS A 332 -25.33 16.37 8.92
C HIS A 332 -25.02 15.15 9.73
N PHE A 333 -23.74 14.98 10.02
CA PHE A 333 -23.28 13.88 10.83
C PHE A 333 -22.57 14.35 12.09
N PRO A 334 -23.28 15.05 12.97
CA PRO A 334 -22.63 15.60 14.17
C PRO A 334 -21.91 14.61 15.12
N CYS A 335 -22.36 13.36 15.23
CA CYS A 335 -21.59 12.34 15.96
C CYS A 335 -20.11 12.36 15.62
N ILE A 336 -19.77 12.63 14.37
CA ILE A 336 -18.36 12.70 13.99
C ILE A 336 -17.63 13.76 14.81
N LYS A 337 -18.22 14.94 14.89
CA LYS A 337 -17.66 16.03 15.68
C LYS A 337 -17.55 15.70 17.18
N LEU A 338 -18.58 15.04 17.72
CA LEU A 338 -18.56 14.67 19.12
C LEU A 338 -17.43 13.72 19.41
N ALA A 339 -17.16 12.83 18.44
CA ALA A 339 -16.12 11.84 18.62
C ALA A 339 -14.77 12.51 18.67
N TYR A 340 -14.52 13.43 17.73
CA TYR A 340 -13.25 14.17 17.78
C TYR A 340 -13.15 14.95 19.08
N GLN A 341 -14.25 15.55 19.50
CA GLN A 341 -14.27 16.38 20.71
C GLN A 341 -13.94 15.56 21.94
N ALA A 342 -14.66 14.45 22.11
CA ALA A 342 -14.41 13.54 23.20
C ALA A 342 -12.96 13.05 23.17
N GLY A 343 -12.54 12.55 22.01
CA GLY A 343 -11.19 12.05 21.86
C GLY A 343 -10.12 13.09 22.18
N ILE A 344 -10.26 14.30 21.62
CA ILE A 344 -9.25 15.35 21.85
C ILE A 344 -9.17 15.72 23.34
N LYS A 345 -10.33 15.75 23.98
CA LYS A 345 -10.42 16.09 25.40
C LYS A 345 -9.77 15.01 26.23
N GLY A 346 -9.83 13.78 25.74
CA GLY A 346 -9.11 12.71 26.39
C GLY A 346 -9.74 12.31 27.70
N ASN A 347 -8.89 11.95 28.67
CA ASN A 347 -9.34 11.52 29.98
C ASN A 347 -10.37 10.40 29.75
N PHE A 348 -11.48 10.38 30.46
CA PHE A 348 -12.48 9.33 30.20
C PHE A 348 -13.62 9.74 29.26
N TYR A 349 -13.40 10.79 28.48
CA TYR A 349 -14.47 11.28 27.61
C TYR A 349 -14.83 10.25 26.52
N PRO A 350 -13.83 9.52 26.02
CA PRO A 350 -14.22 8.50 25.06
C PRO A 350 -15.05 7.32 25.63
N THR A 351 -14.86 6.99 26.90
CA THR A 351 -15.64 5.94 27.55
C THR A 351 -17.08 6.40 27.65
N VAL A 352 -17.22 7.70 27.85
CA VAL A 352 -18.53 8.32 28.00
C VAL A 352 -19.25 8.41 26.66
N LEU A 353 -18.49 8.86 25.66
CA LEU A 353 -18.96 8.90 24.29
C LEU A 353 -19.52 7.54 23.90
N ASN A 354 -18.75 6.51 24.19
CA ASN A 354 -19.08 5.17 23.73
C ASN A 354 -20.33 4.62 24.44
N ALA A 355 -20.38 4.86 25.75
CA ALA A 355 -21.46 4.36 26.58
C ALA A 355 -22.77 5.11 26.34
N SER A 356 -22.69 6.42 26.19
CA SER A 356 -23.90 7.19 25.85
C SER A 356 -24.47 6.78 24.49
N ASN A 357 -23.59 6.53 23.52
CA ASN A 357 -24.01 6.08 22.18
C ASN A 357 -24.66 4.71 22.23
N GLU A 358 -24.13 3.84 23.07
CA GLU A 358 -24.69 2.52 23.25
C GLU A 358 -26.19 2.67 23.48
N ILE A 359 -26.52 3.58 24.39
CA ILE A 359 -27.89 3.83 24.78
C ILE A 359 -28.67 4.59 23.71
N ALA A 360 -28.06 5.66 23.21
CA ALA A 360 -28.66 6.49 22.20
C ALA A 360 -28.99 5.70 20.93
N ASN A 361 -27.98 4.97 20.46
CA ASN A 361 -28.11 4.09 19.31
C ASN A 361 -29.32 3.14 19.47
N ASN A 362 -29.41 2.44 20.59
CA ASN A 362 -30.47 1.45 20.76
C ASN A 362 -31.87 2.06 20.80
N LEU A 363 -31.98 3.26 21.36
CA LEU A 363 -33.25 3.99 21.41
C LEU A 363 -33.72 4.34 20.01
N PHE A 364 -32.81 4.88 19.21
CA PHE A 364 -33.12 5.20 17.84
C PHE A 364 -33.45 3.95 17.04
N LEU A 365 -32.70 2.88 17.26
CA LEU A 365 -32.98 1.60 16.63
C LEU A 365 -34.43 1.18 16.90
N ASN A 366 -34.91 1.45 18.11
CA ASN A 366 -36.24 1.02 18.52
C ASN A 366 -37.30 2.10 18.37
N ASN A 367 -36.92 3.15 17.68
CA ASN A 367 -37.82 4.22 17.29
C ASN A 367 -38.28 5.05 18.48
N LYS A 368 -37.41 5.15 19.48
CA LYS A 368 -37.73 5.90 20.68
C LYS A 368 -37.26 7.38 20.59
N ILE A 369 -36.24 7.63 19.77
CA ILE A 369 -35.80 9.01 19.55
C ILE A 369 -35.52 9.26 18.09
N LYS A 370 -35.34 10.52 17.72
CA LYS A 370 -35.05 10.83 16.33
C LYS A 370 -33.54 10.91 16.10
N TYR A 371 -33.13 11.01 14.85
CA TYR A 371 -31.73 11.03 14.45
C TYR A 371 -30.83 12.05 15.18
N PHE A 372 -31.28 13.30 15.30
CA PHE A 372 -30.44 14.33 15.92
C PHE A 372 -30.47 14.27 17.45
N ASP A 373 -31.40 13.48 17.96
CA ASP A 373 -31.50 13.21 19.38
C ASP A 373 -30.32 12.36 19.78
N ILE A 374 -29.91 11.46 18.90
CA ILE A 374 -28.75 10.61 19.17
C ILE A 374 -27.60 11.51 19.56
N SER A 375 -27.20 12.40 18.65
CA SER A 375 -26.08 13.27 18.96
C SER A 375 -26.40 14.22 20.11
N SER A 376 -27.65 14.64 20.22
CA SER A 376 -28.01 15.53 21.30
C SER A 376 -27.82 14.87 22.66
N ILE A 377 -28.38 13.68 22.84
CA ILE A 377 -28.22 12.96 24.09
C ILE A 377 -26.74 12.85 24.42
N ILE A 378 -25.97 12.31 23.49
CA ILE A 378 -24.54 12.08 23.68
C ILE A 378 -23.81 13.36 24.07
N SER A 379 -24.22 14.46 23.47
CA SER A 379 -23.54 15.72 23.69
C SER A 379 -23.74 16.17 25.11
N GLN A 380 -24.96 15.97 25.60
CA GLN A 380 -25.32 16.38 26.94
C GLN A 380 -24.58 15.56 27.98
N VAL A 381 -24.52 14.25 27.77
CA VAL A 381 -23.78 13.37 28.68
C VAL A 381 -22.32 13.82 28.74
N LEU A 382 -21.67 13.97 27.59
CA LEU A 382 -20.32 14.51 27.58
C LEU A 382 -20.25 15.82 28.37
N GLU A 383 -21.23 16.69 28.13
CA GLU A 383 -21.27 17.99 28.80
C GLU A 383 -21.32 17.83 30.32
N SER A 384 -22.04 16.82 30.80
CA SER A 384 -22.29 16.65 32.23
C SER A 384 -21.15 15.92 32.94
N PHE A 385 -20.24 15.32 32.18
CA PHE A 385 -19.15 14.55 32.79
C PHE A 385 -17.99 15.43 33.21
N ASN A 386 -17.45 15.14 34.39
CA ASN A 386 -16.27 15.86 34.88
C ASN A 386 -15.05 14.95 34.89
N SER A 387 -13.98 15.45 34.28
CA SER A 387 -12.70 14.77 34.30
C SER A 387 -12.41 14.17 35.67
N GLN A 388 -11.86 12.96 35.67
CA GLN A 388 -11.36 12.35 36.88
C GLN A 388 -9.88 12.11 36.73
N LYS A 389 -9.15 12.24 37.83
CA LYS A 389 -7.75 11.88 37.83
C LYS A 389 -7.68 10.41 37.42
N VAL A 390 -6.75 10.09 36.54
CA VAL A 390 -6.64 8.75 35.96
C VAL A 390 -5.83 7.86 36.90
N SER A 391 -6.38 6.70 37.27
CA SER A 391 -5.66 5.80 38.19
C SER A 391 -4.36 5.35 37.59
N GLU A 392 -3.31 5.38 38.40
CA GLU A 392 -2.04 4.79 38.05
C GLU A 392 -2.20 3.28 38.10
N ASN A 393 -2.99 2.81 39.05
CA ASN A 393 -3.10 1.38 39.26
C ASN A 393 -4.02 0.74 38.23
N SER A 394 -3.45 -0.19 37.48
CA SER A 394 -4.15 -1.01 36.50
C SER A 394 -5.52 -1.52 36.97
N GLU A 395 -5.60 -2.02 38.20
CA GLU A 395 -6.88 -2.58 38.67
C GLU A 395 -7.90 -1.47 39.00
N ASP A 396 -7.42 -0.36 39.55
CA ASP A 396 -8.25 0.81 39.84
C ASP A 396 -8.73 1.48 38.56
N LEU A 397 -7.88 1.45 37.55
CA LEU A 397 -8.18 2.09 36.27
C LEU A 397 -9.33 1.37 35.58
N MET A 398 -9.22 0.06 35.51
CA MET A 398 -10.32 -0.80 35.04
C MET A 398 -11.64 -0.47 35.77
N LYS A 399 -11.60 -0.36 37.09
CA LYS A 399 -12.80 -0.04 37.89
C LYS A 399 -13.39 1.32 37.52
N GLN A 400 -12.52 2.29 37.29
CA GLN A 400 -12.90 3.63 36.86
C GLN A 400 -13.64 3.58 35.52
N ILE A 401 -13.02 2.88 34.59
CA ILE A 401 -13.59 2.72 33.28
C ILE A 401 -15.01 2.13 33.39
N LEU A 402 -15.17 1.04 34.14
CA LEU A 402 -16.51 0.45 34.34
C LEU A 402 -17.48 1.40 35.04
N GLN A 403 -17.03 2.05 36.11
CA GLN A 403 -17.87 3.00 36.85
C GLN A 403 -18.38 4.08 35.91
N ILE A 404 -17.46 4.67 35.15
CA ILE A 404 -17.79 5.78 34.27
C ILE A 404 -18.72 5.32 33.14
N HIS A 405 -18.45 4.14 32.60
CA HIS A 405 -19.27 3.57 31.55
C HIS A 405 -20.71 3.35 32.07
N SER A 406 -20.85 2.81 33.27
CA SER A 406 -22.17 2.57 33.84
C SER A 406 -22.89 3.91 34.15
N TRP A 407 -22.13 4.86 34.71
CA TRP A 407 -22.63 6.21 34.96
C TRP A 407 -23.18 6.86 33.69
N ALA A 408 -22.47 6.68 32.58
CA ALA A 408 -22.83 7.37 31.34
C ALA A 408 -24.06 6.76 30.67
N LYS A 409 -24.16 5.44 30.71
CA LYS A 409 -25.36 4.74 30.24
C LYS A 409 -26.59 5.24 30.97
N ASP A 410 -26.49 5.33 32.28
CA ASP A 410 -27.57 5.82 33.14
C ASP A 410 -27.88 7.32 32.93
N LYS A 411 -26.85 8.12 32.71
CA LYS A 411 -27.08 9.54 32.42
C LYS A 411 -27.83 9.65 31.09
N ALA A 412 -27.41 8.89 30.10
CA ALA A 412 -28.08 8.90 28.81
C ALA A 412 -29.53 8.42 28.92
N THR A 413 -29.77 7.33 29.66
CA THR A 413 -31.14 6.88 29.88
C THR A 413 -31.95 7.93 30.60
N ASP A 414 -31.33 8.55 31.60
CA ASP A 414 -32.01 9.57 32.38
C ASP A 414 -32.40 10.75 31.49
N ILE A 415 -31.51 11.17 30.61
CA ILE A 415 -31.81 12.29 29.74
C ILE A 415 -32.98 11.92 28.84
N TYR A 416 -32.99 10.68 28.37
CA TYR A 416 -34.09 10.26 27.51
C TYR A 416 -35.39 10.27 28.32
N ASN A 417 -35.34 9.74 29.54
CA ASN A 417 -36.55 9.63 30.36
C ASN A 417 -37.21 10.98 30.66
N LYS A 418 -36.41 11.95 31.06
CA LYS A 418 -36.94 13.25 31.42
C LYS A 418 -37.36 14.14 30.23
N HIS A 419 -37.15 13.66 29.01
CA HIS A 419 -37.47 14.45 27.81
C HIS A 419 -38.84 15.15 27.87
N ASN A 420 -39.89 14.53 27.32
CA ASN A 420 -41.23 15.13 27.33
C ASN A 420 -42.31 14.19 27.83
N PRO B 11 24.17 10.55 6.83
CA PRO B 11 24.36 11.37 5.65
C PRO B 11 24.56 10.50 4.41
N ILE B 12 23.70 10.68 3.42
CA ILE B 12 23.70 9.80 2.25
C ILE B 12 24.40 10.44 1.06
N ASN B 13 25.42 9.74 0.58
CA ASN B 13 26.29 10.24 -0.49
C ASN B 13 25.83 9.73 -1.85
N VAL B 14 25.55 10.67 -2.73
CA VAL B 14 24.80 10.42 -3.95
C VAL B 14 25.47 10.97 -5.18
N ALA B 15 25.47 10.17 -6.24
CA ALA B 15 25.86 10.65 -7.56
C ALA B 15 24.65 10.64 -8.50
N ILE B 16 24.62 11.61 -9.40
CA ILE B 16 23.56 11.72 -10.39
C ILE B 16 24.10 11.62 -11.81
N PHE B 17 23.68 10.58 -12.52
CA PHE B 17 23.97 10.44 -13.95
C PHE B 17 22.79 10.91 -14.80
N GLY B 18 23.06 11.95 -15.59
CA GLY B 18 22.05 12.60 -16.40
C GLY B 18 21.40 13.67 -15.55
N SER B 19 22.24 14.44 -14.86
CA SER B 19 21.79 15.41 -13.84
C SER B 19 20.92 16.55 -14.36
N THR B 20 21.01 16.82 -15.67
CA THR B 20 20.23 17.89 -16.30
C THR B 20 18.98 17.35 -16.99
N GLY B 21 18.85 16.02 -17.03
CA GLY B 21 17.66 15.39 -17.60
C GLY B 21 16.47 15.61 -16.69
N SER B 22 15.30 15.13 -17.09
CA SER B 22 14.09 15.35 -16.30
C SER B 22 14.18 14.68 -14.91
N ILE B 23 14.80 13.51 -14.85
CA ILE B 23 14.98 12.78 -13.59
C ILE B 23 16.06 13.41 -12.73
N GLY B 24 17.12 13.87 -13.38
CA GLY B 24 18.22 14.55 -12.70
C GLY B 24 17.77 15.81 -12.01
N THR B 25 17.04 16.65 -12.73
CA THR B 25 16.63 17.92 -12.18
C THR B 25 15.66 17.62 -11.02
N ASN B 26 14.76 16.68 -11.23
CA ASN B 26 13.82 16.28 -10.17
C ASN B 26 14.52 15.74 -8.92
N ALA B 27 15.53 14.92 -9.13
CA ALA B 27 16.39 14.47 -8.05
C ALA B 27 17.03 15.64 -7.29
N LEU B 28 17.72 16.54 -7.99
CA LEU B 28 18.38 17.64 -7.29
C LEU B 28 17.38 18.48 -6.54
N ASN B 29 16.19 18.66 -7.10
CA ASN B 29 15.15 19.46 -6.47
C ASN B 29 14.68 18.88 -5.14
N ILE B 30 14.32 17.61 -5.12
CA ILE B 30 13.83 16.98 -3.88
C ILE B 30 14.97 16.93 -2.87
N ILE B 31 16.18 16.67 -3.35
CA ILE B 31 17.36 16.70 -2.49
C ILE B 31 17.56 18.08 -1.83
N ARG B 32 17.51 19.15 -2.62
CA ARG B 32 17.61 20.52 -2.10
C ARG B 32 16.50 20.81 -1.08
N GLU B 33 15.28 20.39 -1.38
CA GLU B 33 14.17 20.62 -0.44
C GLU B 33 14.34 19.82 0.86
N CYS B 34 14.72 18.55 0.77
CA CYS B 34 14.91 17.73 1.96
C CYS B 34 16.10 18.20 2.81
N ASN B 35 17.12 18.77 2.16
CA ASN B 35 18.31 19.26 2.87
C ASN B 35 18.03 20.52 3.69
N LYS B 36 17.09 21.34 3.22
CA LYS B 36 16.63 22.50 3.98
C LYS B 36 15.96 22.08 5.30
N ILE B 37 15.20 20.99 5.28
CA ILE B 37 14.52 20.47 6.46
C ILE B 37 15.56 19.99 7.47
N GLU B 38 16.47 19.18 6.98
CA GLU B 38 17.52 18.58 7.78
C GLU B 38 18.57 18.06 6.81
N ASN B 39 19.83 18.24 7.15
CA ASN B 39 20.90 17.86 6.24
C ASN B 39 21.07 16.34 6.14
N VAL B 40 20.64 15.76 5.01
CA VAL B 40 20.66 14.30 4.84
C VAL B 40 21.39 13.79 3.60
N PHE B 41 21.42 14.57 2.52
CA PHE B 41 22.10 14.13 1.29
C PHE B 41 23.34 14.98 1.01
N ASN B 42 24.43 14.31 0.63
CA ASN B 42 25.53 15.01 0.02
C ASN B 42 25.65 14.67 -1.45
N VAL B 43 25.55 15.69 -2.29
CA VAL B 43 25.69 15.49 -3.73
C VAL B 43 27.19 15.41 -4.05
N LYS B 44 27.63 14.19 -4.32
CA LYS B 44 29.03 13.89 -4.54
C LYS B 44 29.48 14.02 -5.99
N ALA B 45 28.58 13.73 -6.92
CA ALA B 45 28.97 13.70 -8.33
C ALA B 45 27.82 14.00 -9.27
N LEU B 46 28.10 14.87 -10.26
CA LEU B 46 27.15 15.12 -11.34
C LEU B 46 27.74 14.67 -12.69
N TYR B 47 26.89 14.11 -13.55
CA TYR B 47 27.34 13.58 -14.85
C TYR B 47 26.31 13.82 -15.96
N VAL B 48 26.71 14.61 -16.95
CA VAL B 48 25.84 14.88 -18.10
C VAL B 48 26.43 14.38 -19.40
N ASN B 49 25.57 14.28 -20.40
CA ASN B 49 25.97 13.87 -21.73
C ASN B 49 26.70 15.02 -22.44
N LYS B 50 26.02 16.16 -22.63
CA LYS B 50 26.66 17.31 -23.28
C LYS B 50 26.17 18.69 -22.82
N SER B 51 25.46 18.76 -21.70
CA SER B 51 24.87 20.04 -21.24
C SER B 51 25.78 20.81 -20.28
N VAL B 52 26.77 21.50 -20.83
CA VAL B 52 27.81 22.18 -20.00
C VAL B 52 27.38 23.45 -19.27
N ASN B 53 26.52 24.27 -19.87
CA ASN B 53 26.02 25.46 -19.15
C ASN B 53 25.21 25.02 -17.95
N GLU B 54 24.26 24.14 -18.21
CA GLU B 54 23.36 23.62 -17.20
C GLU B 54 24.12 22.95 -16.06
N LEU B 55 25.12 22.14 -16.41
CA LEU B 55 25.96 21.46 -15.42
C LEU B 55 26.72 22.47 -14.60
N TYR B 56 27.28 23.49 -15.25
CA TYR B 56 28.00 24.54 -14.55
C TYR B 56 27.15 25.22 -13.48
N GLU B 57 25.89 25.49 -13.81
CA GLU B 57 24.99 26.10 -12.84
C GLU B 57 24.60 25.14 -11.71
N GLN B 58 24.38 23.86 -12.02
CA GLN B 58 24.15 22.86 -10.96
C GLN B 58 25.39 22.78 -10.10
N ALA B 59 26.54 22.86 -10.74
CA ALA B 59 27.81 22.73 -10.04
C ALA B 59 28.05 23.87 -9.06
N ARG B 60 27.75 25.10 -9.46
CA ARG B 60 27.94 26.24 -8.56
C ARG B 60 27.06 26.09 -7.34
N GLU B 61 25.85 25.58 -7.56
CA GLU B 61 24.90 25.40 -6.46
C GLU B 61 25.29 24.20 -5.60
N PHE B 62 25.37 23.00 -6.18
CA PHE B 62 25.59 21.80 -5.36
C PHE B 62 27.06 21.46 -5.08
N LEU B 63 28.00 22.06 -5.81
CA LEU B 63 29.42 21.87 -5.49
C LEU B 63 29.80 20.41 -5.20
N PRO B 64 29.54 19.49 -6.14
CA PRO B 64 29.97 18.13 -5.88
C PRO B 64 31.47 17.99 -6.03
N GLU B 65 32.01 16.87 -5.57
CA GLU B 65 33.44 16.59 -5.73
C GLU B 65 33.79 16.25 -7.17
N TYR B 66 32.90 15.51 -7.83
CA TYR B 66 33.12 15.12 -9.22
C TYR B 66 32.16 15.78 -10.20
N LEU B 67 32.74 16.26 -11.28
CA LEU B 67 31.96 16.65 -12.45
C LEU B 67 32.38 15.72 -13.57
N CYS B 68 31.43 15.29 -14.39
CA CYS B 68 31.77 14.49 -15.56
C CYS B 68 30.87 14.80 -16.74
N ILE B 69 31.50 15.33 -17.78
CA ILE B 69 30.86 15.52 -19.05
C ILE B 69 31.32 14.33 -19.92
N HIS B 70 30.42 13.79 -20.74
CA HIS B 70 30.71 12.58 -21.52
C HIS B 70 31.45 12.95 -22.81
N ASP B 71 30.75 13.61 -23.73
CA ASP B 71 31.32 14.09 -24.99
C ASP B 71 32.55 14.94 -24.67
N LYS B 72 33.72 14.41 -24.97
CA LYS B 72 34.99 15.04 -24.58
C LYS B 72 35.34 16.33 -25.32
N SER B 73 34.60 16.70 -26.36
CA SER B 73 34.87 17.99 -26.99
C SER B 73 34.68 19.11 -25.99
N VAL B 74 33.54 19.11 -25.31
CA VAL B 74 33.22 20.25 -24.44
C VAL B 74 33.78 20.05 -23.05
N TYR B 75 34.67 19.08 -22.91
CA TYR B 75 35.38 18.84 -21.65
C TYR B 75 36.20 20.03 -21.20
N GLU B 76 37.13 20.49 -22.02
CA GLU B 76 37.98 21.64 -21.63
C GLU B 76 37.13 22.87 -21.34
N GLU B 77 36.04 23.03 -22.08
CA GLU B 77 35.10 24.13 -21.86
C GLU B 77 34.44 24.10 -20.48
N LEU B 78 34.13 22.91 -19.98
CA LEU B 78 33.56 22.79 -18.65
C LEU B 78 34.57 23.30 -17.62
N LYS B 79 35.83 22.88 -17.72
CA LYS B 79 36.86 23.43 -16.85
C LYS B 79 36.90 24.95 -16.95
N GLU B 80 36.58 25.47 -18.13
CA GLU B 80 36.62 26.91 -18.33
C GLU B 80 35.54 27.59 -17.48
N LEU B 81 34.35 27.00 -17.43
CA LEU B 81 33.23 27.62 -16.70
C LEU B 81 33.42 27.50 -15.20
N VAL B 82 33.78 26.30 -14.76
CA VAL B 82 33.93 25.97 -13.34
C VAL B 82 35.11 26.68 -12.71
N LYS B 83 36.12 26.98 -13.52
CA LYS B 83 37.17 27.91 -13.09
C LYS B 83 36.59 29.04 -12.27
N ASN B 84 35.58 29.68 -12.85
CA ASN B 84 35.05 30.90 -12.29
C ASN B 84 34.13 30.68 -11.09
N ILE B 85 34.31 29.55 -10.40
CA ILE B 85 33.65 29.31 -9.13
C ILE B 85 34.72 29.32 -8.05
N LYS B 86 34.66 30.29 -7.14
CA LYS B 86 35.72 30.42 -6.13
C LYS B 86 35.61 29.36 -5.03
N ASP B 87 36.63 29.31 -4.17
CA ASP B 87 36.74 28.31 -3.10
C ASP B 87 36.05 26.98 -3.44
N TYR B 88 36.45 26.41 -4.57
CA TYR B 88 35.87 25.16 -5.09
C TYR B 88 36.68 24.67 -6.29
N LYS B 89 37.18 23.46 -6.20
CA LYS B 89 37.87 22.81 -7.32
C LYS B 89 37.63 21.31 -7.29
N PRO B 90 36.67 20.84 -8.10
CA PRO B 90 36.30 19.44 -8.13
C PRO B 90 37.15 18.65 -9.10
N ILE B 91 37.03 17.33 -9.01
CA ILE B 91 37.64 16.43 -9.98
C ILE B 91 36.80 16.46 -11.26
N ILE B 92 37.41 16.76 -12.39
CA ILE B 92 36.67 16.87 -13.66
C ILE B 92 37.09 15.78 -14.66
N LEU B 93 36.13 14.94 -15.06
CA LEU B 93 36.40 13.75 -15.90
C LEU B 93 35.57 13.73 -17.19
N CYS B 94 35.85 12.77 -18.07
CA CYS B 94 35.10 12.64 -19.33
C CYS B 94 34.84 11.19 -19.67
N GLY B 95 33.79 10.99 -20.46
CA GLY B 95 33.50 9.68 -20.99
C GLY B 95 33.41 8.59 -19.93
N ASP B 96 33.59 7.36 -20.38
CA ASP B 96 33.46 6.19 -19.52
C ASP B 96 34.60 6.06 -18.53
N GLU B 97 35.71 6.77 -18.73
CA GLU B 97 36.75 6.76 -17.68
C GLU B 97 36.28 7.57 -16.48
N GLY B 98 35.65 8.72 -16.73
CA GLY B 98 35.06 9.48 -15.63
C GLY B 98 33.94 8.69 -14.97
N MET B 99 32.97 8.31 -15.79
CA MET B 99 31.89 7.44 -15.38
C MET B 99 32.38 6.32 -14.44
N LYS B 100 33.47 5.64 -14.81
CA LYS B 100 33.99 4.53 -14.00
C LYS B 100 34.65 4.97 -12.70
N GLU B 101 35.47 6.02 -12.78
CA GLU B 101 36.13 6.53 -11.59
C GLU B 101 35.07 6.88 -10.55
N ILE B 102 34.02 7.53 -11.02
CA ILE B 102 32.88 7.89 -10.17
C ILE B 102 32.22 6.67 -9.50
N CYS B 103 31.84 5.65 -10.27
CA CYS B 103 31.20 4.46 -9.69
C CYS B 103 32.08 3.75 -8.65
N SER B 104 33.40 3.90 -8.76
CA SER B 104 34.33 3.17 -7.88
C SER B 104 34.73 3.97 -6.64
N SER B 105 34.34 5.24 -6.61
CA SER B 105 34.64 6.06 -5.44
C SER B 105 33.92 5.53 -4.21
N ASN B 106 34.70 5.26 -3.16
CA ASN B 106 34.13 4.82 -1.89
C ASN B 106 33.33 5.89 -1.20
N SER B 107 33.53 7.14 -1.62
CA SER B 107 32.77 8.22 -1.04
C SER B 107 31.34 8.30 -1.61
N ILE B 108 30.89 7.25 -2.29
CA ILE B 108 29.55 7.24 -2.88
C ILE B 108 28.81 5.94 -2.64
N ASP B 109 27.52 6.05 -2.34
CA ASP B 109 26.73 4.89 -1.96
C ASP B 109 25.56 4.59 -2.89
N LYS B 110 24.96 5.63 -3.44
CA LYS B 110 23.80 5.43 -4.32
C LYS B 110 23.96 6.24 -5.57
N ILE B 111 23.60 5.65 -6.69
CA ILE B 111 23.74 6.29 -7.97
C ILE B 111 22.39 6.36 -8.67
N VAL B 112 21.97 7.60 -8.97
CA VAL B 112 20.74 7.82 -9.72
C VAL B 112 21.06 7.78 -11.20
N ILE B 113 20.48 6.79 -11.87
CA ILE B 113 20.68 6.64 -13.30
C ILE B 113 19.52 7.30 -14.03
N GLY B 114 19.82 8.48 -14.54
CA GLY B 114 18.83 9.30 -15.21
C GLY B 114 19.22 9.52 -16.66
N ILE B 115 20.10 8.66 -17.16
CA ILE B 115 20.41 8.56 -18.60
C ILE B 115 19.56 7.41 -19.12
N ASP B 116 18.77 7.71 -20.14
CA ASP B 116 17.43 7.13 -20.27
C ASP B 116 17.15 6.47 -21.61
N SER B 117 18.13 5.74 -22.12
CA SER B 117 18.02 4.98 -23.36
C SER B 117 19.12 3.96 -23.25
N PHE B 118 19.27 3.14 -24.28
CA PHE B 118 20.25 2.07 -24.26
C PHE B 118 21.69 2.51 -23.89
N GLN B 119 22.08 3.77 -24.14
CA GLN B 119 23.39 4.24 -23.63
C GLN B 119 23.59 4.22 -22.13
N GLY B 120 22.49 4.16 -21.40
CA GLY B 120 22.55 4.18 -19.94
C GLY B 120 22.98 2.85 -19.33
N LEU B 121 22.98 1.81 -20.16
CA LEU B 121 23.38 0.48 -19.74
C LEU B 121 24.77 0.47 -19.10
N TYR B 122 25.70 1.24 -19.67
CA TYR B 122 27.10 1.18 -19.24
C TYR B 122 27.29 1.64 -17.80
N SER B 123 26.71 2.78 -17.46
CA SER B 123 26.82 3.28 -16.08
C SER B 123 26.06 2.41 -15.08
N THR B 124 24.95 1.82 -15.51
CA THR B 124 24.21 0.86 -14.68
C THR B 124 25.09 -0.33 -14.36
N MET B 125 25.68 -0.87 -15.42
CA MET B 125 26.63 -1.98 -15.35
C MET B 125 27.74 -1.67 -14.34
N TYR B 126 28.38 -0.52 -14.50
CA TYR B 126 29.47 -0.11 -13.61
C TYR B 126 29.04 0.24 -12.19
N ALA B 127 27.87 0.84 -12.03
CA ALA B 127 27.30 1.00 -10.71
C ALA B 127 27.08 -0.36 -10.02
N ILE B 128 26.57 -1.35 -10.74
CA ILE B 128 26.37 -2.67 -10.12
C ILE B 128 27.72 -3.32 -9.82
N MET B 129 28.67 -3.18 -10.73
CA MET B 129 29.97 -3.81 -10.53
C MET B 129 30.68 -3.28 -9.29
N ASN B 130 30.38 -2.04 -8.92
CA ASN B 130 30.93 -1.48 -7.68
C ASN B 130 30.01 -1.63 -6.47
N ASN B 131 29.10 -2.59 -6.55
CA ASN B 131 28.21 -2.93 -5.45
C ASN B 131 27.43 -1.77 -4.85
N LYS B 132 27.05 -0.79 -5.68
CA LYS B 132 26.33 0.36 -5.17
C LYS B 132 24.82 0.11 -5.11
N ILE B 133 24.10 1.04 -4.48
CA ILE B 133 22.66 1.11 -4.62
C ILE B 133 22.36 1.93 -5.87
N VAL B 134 21.71 1.28 -6.82
CA VAL B 134 21.46 1.90 -8.11
C VAL B 134 20.00 2.26 -8.22
N ALA B 135 19.76 3.56 -8.26
CA ALA B 135 18.42 4.10 -8.38
C ALA B 135 18.16 4.30 -9.86
N LEU B 136 17.38 3.39 -10.42
CA LEU B 136 17.38 3.21 -11.87
C LEU B 136 16.12 3.73 -12.54
N ALA B 137 16.27 4.77 -13.36
CA ALA B 137 15.15 5.34 -14.12
C ALA B 137 15.18 4.97 -15.61
N ASN B 138 16.13 4.14 -16.01
CA ASN B 138 16.33 3.82 -17.43
C ASN B 138 15.81 2.43 -17.75
N LYS B 139 14.52 2.36 -18.02
CA LYS B 139 13.81 1.10 -18.20
C LYS B 139 14.25 0.39 -19.47
N GLU B 140 14.81 1.15 -20.42
CA GLU B 140 15.31 0.56 -21.66
C GLU B 140 16.41 -0.45 -21.37
N SER B 141 17.24 -0.14 -20.39
CA SER B 141 18.29 -1.06 -20.05
C SER B 141 17.77 -2.37 -19.45
N ILE B 142 16.75 -2.31 -18.61
CA ILE B 142 16.16 -3.56 -18.11
C ILE B 142 15.49 -4.35 -19.23
N VAL B 143 14.84 -3.65 -20.13
CA VAL B 143 14.13 -4.30 -21.24
C VAL B 143 15.11 -4.95 -22.24
N SER B 144 16.15 -4.22 -22.62
CA SER B 144 17.18 -4.72 -23.53
C SER B 144 18.12 -5.74 -22.90
N ALA B 145 18.48 -5.51 -21.64
CA ALA B 145 19.61 -6.22 -21.00
C ALA B 145 19.22 -6.91 -19.69
N GLY B 146 17.92 -7.14 -19.50
CA GLY B 146 17.38 -7.71 -18.26
C GLY B 146 18.13 -8.92 -17.72
N PHE B 147 18.30 -9.92 -18.58
CA PHE B 147 18.93 -11.18 -18.23
C PHE B 147 20.39 -10.93 -17.88
N PHE B 148 21.02 -10.02 -18.61
CA PHE B 148 22.41 -9.62 -18.33
C PHE B 148 22.54 -8.97 -16.96
N LEU B 149 21.65 -8.03 -16.65
CA LEU B 149 21.70 -7.35 -15.36
C LEU B 149 21.47 -8.33 -14.22
N LYS B 150 20.56 -9.25 -14.47
CA LYS B 150 20.24 -10.32 -13.55
C LYS B 150 21.49 -11.16 -13.26
N LYS B 151 22.21 -11.58 -14.30
CA LYS B 151 23.45 -12.34 -14.11
C LYS B 151 24.51 -11.48 -13.38
N LEU B 152 24.62 -10.20 -13.73
CA LEU B 152 25.59 -9.31 -13.09
C LEU B 152 25.27 -9.13 -11.59
N LEU B 153 23.99 -8.97 -11.27
CA LEU B 153 23.54 -8.86 -9.88
C LEU B 153 23.78 -10.13 -9.08
N ASN B 154 23.69 -11.28 -9.71
CA ASN B 154 23.99 -12.50 -9.00
C ASN B 154 25.46 -12.51 -8.61
N ILE B 155 26.29 -11.84 -9.41
CA ILE B 155 27.71 -11.77 -9.13
C ILE B 155 28.03 -10.72 -8.08
N HIS B 156 27.46 -9.53 -8.24
CA HIS B 156 27.68 -8.45 -7.28
C HIS B 156 26.58 -8.42 -6.22
N LYS B 157 26.89 -9.11 -5.14
CA LYS B 157 25.89 -9.56 -4.18
C LYS B 157 25.32 -8.43 -3.35
N ASN B 158 26.11 -7.37 -3.23
CA ASN B 158 25.74 -6.21 -2.43
C ASN B 158 25.18 -5.04 -3.23
N ALA B 159 25.21 -5.14 -4.56
CA ALA B 159 24.56 -4.14 -5.39
C ALA B 159 23.05 -4.36 -5.31
N LYS B 160 22.31 -3.25 -5.40
CA LYS B 160 20.85 -3.31 -5.41
C LYS B 160 20.29 -2.35 -6.43
N ILE B 161 19.35 -2.85 -7.24
CA ILE B 161 18.56 -1.99 -8.11
C ILE B 161 17.31 -1.55 -7.38
N ILE B 162 17.17 -0.24 -7.22
CA ILE B 162 15.96 0.30 -6.63
C ILE B 162 15.23 1.06 -7.72
N PRO B 163 13.99 0.66 -8.02
CA PRO B 163 13.26 1.26 -9.13
C PRO B 163 12.91 2.72 -8.90
N VAL B 164 13.00 3.49 -9.97
CA VAL B 164 12.64 4.90 -9.93
C VAL B 164 11.46 5.16 -10.83
N ASP B 165 11.40 4.46 -11.96
CA ASP B 165 10.23 4.51 -12.83
C ASP B 165 8.99 4.42 -11.94
N SER B 166 8.10 5.41 -12.05
CA SER B 166 7.11 5.68 -11.02
C SER B 166 6.16 4.50 -10.71
N GLU B 167 5.76 3.72 -11.71
CA GLU B 167 4.88 2.58 -11.49
C GLU B 167 5.60 1.49 -10.70
N HIS B 168 6.90 1.37 -10.95
CA HIS B 168 7.68 0.27 -10.40
C HIS B 168 8.10 0.63 -9.00
N SER B 169 8.44 1.90 -8.79
CA SER B 169 8.56 2.45 -7.45
C SER B 169 7.27 2.25 -6.64
N ALA B 170 6.13 2.43 -7.28
CA ALA B 170 4.84 2.27 -6.61
C ALA B 170 4.70 0.84 -6.10
N ILE B 171 4.86 -0.10 -7.02
CA ILE B 171 4.85 -1.53 -6.73
C ILE B 171 5.83 -1.87 -5.60
N PHE B 172 7.02 -1.28 -5.68
CA PHE B 172 8.07 -1.53 -4.70
C PHE B 172 7.66 -0.95 -3.34
N GLN B 173 7.04 0.23 -3.34
CA GLN B 173 6.57 0.82 -2.08
C GLN B 173 5.36 0.08 -1.48
N CYS B 174 4.71 -0.77 -2.27
CA CYS B 174 3.54 -1.51 -1.78
C CYS B 174 4.01 -2.78 -1.11
N LEU B 175 5.31 -3.01 -1.17
CA LEU B 175 5.88 -4.24 -0.62
C LEU B 175 6.41 -4.05 0.78
N ASP B 176 6.27 -5.11 1.57
CA ASP B 176 6.73 -5.21 2.95
C ASP B 176 8.24 -5.38 2.98
N ASN B 177 8.97 -4.33 3.33
CA ASN B 177 10.43 -4.45 3.35
C ASN B 177 10.93 -5.60 4.23
N ASN B 178 10.06 -6.17 5.04
CA ASN B 178 10.47 -7.34 5.81
C ASN B 178 10.73 -8.51 4.90
N LYS B 179 10.01 -8.55 3.78
CA LYS B 179 10.24 -9.54 2.76
C LYS B 179 11.25 -9.06 1.74
N VAL B 180 11.09 -7.82 1.28
CA VAL B 180 12.03 -7.28 0.30
C VAL B 180 13.47 -7.51 0.74
N LEU B 181 13.76 -7.29 2.01
CA LEU B 181 15.12 -7.45 2.48
C LEU B 181 15.63 -8.88 2.44
N LYS B 182 14.73 -9.85 2.26
CA LYS B 182 15.12 -11.26 2.06
C LYS B 182 15.50 -11.59 0.62
N THR B 183 15.38 -10.61 -0.28
CA THR B 183 15.64 -10.82 -1.69
C THR B 183 16.15 -9.50 -2.27
N LYS B 184 16.01 -9.30 -3.57
CA LYS B 184 16.28 -7.99 -4.17
C LYS B 184 15.72 -7.97 -5.58
N CYS B 185 15.58 -6.78 -6.14
CA CYS B 185 15.01 -6.64 -7.47
C CYS B 185 15.89 -7.36 -8.47
N LEU B 186 15.26 -7.93 -9.48
CA LEU B 186 15.95 -8.61 -10.56
C LEU B 186 16.49 -9.95 -10.11
N GLN B 187 15.94 -10.49 -9.04
CA GLN B 187 16.44 -11.75 -8.52
C GLN B 187 15.33 -12.80 -8.56
N ASP B 188 15.68 -13.97 -9.07
CA ASP B 188 14.72 -15.05 -9.18
C ASP B 188 14.04 -15.20 -7.86
N ASN B 189 12.76 -15.49 -7.93
CA ASN B 189 11.97 -15.78 -6.76
C ASN B 189 11.44 -14.59 -5.99
N PHE B 190 11.79 -13.40 -6.45
CA PHE B 190 11.34 -12.17 -5.79
C PHE B 190 9.85 -12.17 -5.52
N SER B 191 9.06 -12.54 -6.50
CA SER B 191 7.64 -12.42 -6.34
C SER B 191 7.09 -13.48 -5.37
N LYS B 192 7.75 -14.63 -5.28
CA LYS B 192 7.30 -15.65 -4.34
C LYS B 192 7.57 -15.22 -2.91
N ILE B 193 8.74 -14.64 -2.70
CA ILE B 193 9.18 -14.24 -1.37
C ILE B 193 8.33 -13.06 -0.87
N ASN B 194 7.86 -12.22 -1.80
CA ASN B 194 6.98 -11.11 -1.44
C ASN B 194 5.48 -11.40 -1.45
N ASN B 195 5.12 -12.66 -1.70
CA ASN B 195 3.73 -13.14 -1.75
C ASN B 195 2.87 -12.45 -2.81
N ILE B 196 3.54 -12.08 -3.90
CA ILE B 196 2.92 -11.34 -4.97
C ILE B 196 2.18 -12.29 -5.88
N ASN B 197 0.91 -12.01 -6.12
CA ASN B 197 0.12 -12.81 -7.02
C ASN B 197 -0.02 -12.16 -8.36
N LYS B 198 -0.15 -10.84 -8.36
CA LYS B 198 -0.50 -10.17 -9.57
C LYS B 198 -0.20 -8.67 -9.46
N ILE B 199 0.07 -8.05 -10.60
CA ILE B 199 0.38 -6.63 -10.63
C ILE B 199 -0.67 -5.89 -11.45
N PHE B 200 -1.21 -4.80 -10.90
CA PHE B 200 -1.96 -3.79 -11.67
C PHE B 200 -1.01 -2.68 -12.07
N LEU B 201 -0.69 -2.65 -13.36
CA LEU B 201 0.27 -1.71 -13.86
C LEU B 201 -0.51 -0.59 -14.52
N CYS B 202 -0.61 0.51 -13.79
CA CYS B 202 -1.48 1.61 -14.15
C CYS B 202 -0.78 2.53 -15.15
N SER B 203 -1.60 3.18 -15.98
CA SER B 203 -1.12 4.07 -17.02
C SER B 203 -2.02 5.29 -17.16
N SER B 204 -1.41 6.40 -17.53
CA SER B 204 -2.15 7.61 -17.74
C SER B 204 -3.08 7.37 -18.91
N GLY B 205 -2.71 6.48 -19.83
CA GLY B 205 -3.44 6.31 -21.08
C GLY B 205 -2.96 7.16 -22.25
N GLY B 206 -2.24 8.24 -21.95
CA GLY B 206 -1.75 9.16 -22.99
C GLY B 206 -2.89 9.95 -23.61
N PRO B 207 -2.59 10.89 -24.52
CA PRO B 207 -3.67 11.75 -25.02
C PRO B 207 -4.68 11.12 -25.96
N PHE B 208 -4.44 9.89 -26.42
CA PHE B 208 -5.24 9.36 -27.51
C PHE B 208 -6.24 8.30 -27.05
N GLN B 209 -6.47 8.19 -25.75
CA GLN B 209 -7.33 7.12 -25.20
C GLN B 209 -8.75 7.10 -25.74
N ASN B 210 -9.33 8.28 -25.98
CA ASN B 210 -10.72 8.36 -26.40
C ASN B 210 -10.90 8.51 -27.89
N LEU B 211 -9.82 8.39 -28.65
CA LEU B 211 -9.92 8.47 -30.11
C LEU B 211 -10.47 7.18 -30.68
N THR B 212 -11.34 7.33 -31.68
CA THR B 212 -11.78 6.25 -32.55
C THR B 212 -10.62 5.74 -33.41
N MET B 213 -10.79 4.56 -33.96
CA MET B 213 -9.81 3.96 -34.89
C MET B 213 -9.42 4.94 -36.00
N ASP B 214 -10.43 5.59 -36.60
CA ASP B 214 -10.23 6.55 -37.68
C ASP B 214 -9.49 7.80 -37.24
N GLU B 215 -9.88 8.33 -36.08
CA GLU B 215 -9.22 9.50 -35.54
C GLU B 215 -7.78 9.12 -35.22
N LEU B 216 -7.60 7.93 -34.68
CA LEU B 216 -6.27 7.42 -34.34
C LEU B 216 -5.32 7.42 -35.54
N LYS B 217 -5.80 6.91 -36.67
CA LYS B 217 -4.97 6.80 -37.88
C LYS B 217 -4.23 8.08 -38.25
N ASN B 218 -4.77 9.21 -37.81
CA ASN B 218 -4.33 10.53 -38.22
C ASN B 218 -3.46 11.31 -37.23
N VAL B 219 -3.28 10.79 -36.02
CA VAL B 219 -2.63 11.59 -34.99
C VAL B 219 -1.19 11.87 -35.37
N THR B 220 -0.71 13.02 -34.95
CA THR B 220 0.66 13.42 -35.21
C THR B 220 1.43 13.59 -33.91
N SER B 221 2.74 13.73 -34.01
CA SER B 221 3.57 14.02 -32.84
C SER B 221 3.15 15.32 -32.12
N GLU B 222 2.70 16.32 -32.89
CA GLU B 222 2.19 17.53 -32.25
C GLU B 222 0.97 17.23 -31.35
N ASN B 223 0.02 16.43 -31.84
CA ASN B 223 -1.08 15.96 -30.99
C ASN B 223 -0.59 15.26 -29.74
N ALA B 224 0.36 14.36 -29.92
CA ALA B 224 0.91 13.58 -28.82
C ALA B 224 1.57 14.43 -27.71
N LEU B 225 2.21 15.53 -28.09
CA LEU B 225 2.96 16.38 -27.16
C LEU B 225 2.10 17.43 -26.46
N LYS B 226 0.81 17.50 -26.81
CA LYS B 226 -0.09 18.50 -26.25
C LYS B 226 -0.59 18.07 -24.86
N HIS B 227 -0.63 19.02 -23.92
CA HIS B 227 -1.21 18.78 -22.58
C HIS B 227 -0.65 17.56 -21.86
N PRO B 228 0.66 17.57 -21.64
CA PRO B 228 1.37 16.53 -20.90
C PRO B 228 0.79 16.33 -19.50
N LYS B 229 0.31 15.13 -19.20
CA LYS B 229 -0.13 14.78 -17.84
C LYS B 229 1.06 14.73 -16.89
N TRP B 230 2.23 14.38 -17.42
CA TRP B 230 3.47 14.54 -16.68
C TRP B 230 4.44 15.42 -17.47
N LYS B 231 5.34 16.07 -16.76
CA LYS B 231 6.37 16.87 -17.39
C LYS B 231 7.55 15.99 -17.76
N MET B 232 7.72 15.74 -19.05
CA MET B 232 8.74 14.79 -19.50
C MET B 232 9.33 15.02 -20.88
N GLY B 233 10.36 14.24 -21.19
CA GLY B 233 11.06 14.32 -22.46
C GLY B 233 10.23 13.83 -23.61
N LYS B 234 10.62 14.24 -24.81
CA LYS B 234 9.85 13.92 -26.01
C LYS B 234 9.71 12.43 -26.28
N LYS B 235 10.77 11.67 -26.03
CA LYS B 235 10.79 10.25 -26.40
C LYS B 235 9.74 9.47 -25.62
N ILE B 236 9.68 9.66 -24.31
CA ILE B 236 8.75 8.88 -23.53
C ILE B 236 7.33 9.42 -23.67
N THR B 237 7.21 10.70 -24.04
CA THR B 237 5.90 11.25 -24.37
C THR B 237 5.29 10.51 -25.58
N ILE B 238 6.10 10.18 -26.58
CA ILE B 238 5.57 9.43 -27.73
C ILE B 238 5.22 7.99 -27.32
N ASP B 239 6.00 7.44 -26.40
CA ASP B 239 5.82 6.06 -26.00
C ASP B 239 4.54 5.98 -25.19
N SER B 240 4.30 7.00 -24.40
CA SER B 240 3.06 7.11 -23.64
C SER B 240 1.90 7.16 -24.61
N ALA B 241 2.04 7.98 -25.66
CA ALA B 241 0.98 8.08 -26.67
C ALA B 241 0.62 6.75 -27.31
N THR B 242 1.62 5.90 -27.58
CA THR B 242 1.37 4.62 -28.26
C THR B 242 1.13 3.50 -27.27
N MET B 243 1.31 3.83 -25.99
CA MET B 243 1.40 2.88 -24.88
C MET B 243 2.54 1.87 -25.07
N MET B 244 3.53 2.22 -25.88
CA MET B 244 4.79 1.46 -25.91
C MET B 244 5.48 1.69 -24.59
N ASN B 245 5.28 2.85 -24.00
CA ASN B 245 5.85 3.04 -22.70
C ASN B 245 5.35 1.96 -21.74
N LYS B 246 4.04 1.79 -21.65
CA LYS B 246 3.48 0.72 -20.80
C LYS B 246 4.00 -0.66 -21.17
N GLY B 247 4.09 -0.96 -22.47
CA GLY B 247 4.62 -2.26 -22.93
C GLY B 247 6.00 -2.55 -22.37
N LEU B 248 6.89 -1.58 -22.48
CA LEU B 248 8.24 -1.68 -21.97
C LEU B 248 8.24 -1.90 -20.45
N GLU B 249 7.31 -1.20 -19.80
CA GLU B 249 7.13 -1.26 -18.36
C GLU B 249 6.52 -2.57 -17.95
N VAL B 250 5.89 -3.28 -18.88
CA VAL B 250 5.41 -4.62 -18.57
C VAL B 250 6.61 -5.56 -18.43
N ILE B 251 7.54 -5.42 -19.36
CA ILE B 251 8.76 -6.24 -19.39
C ILE B 251 9.65 -5.86 -18.20
N GLU B 252 9.70 -4.56 -17.89
CA GLU B 252 10.51 -4.07 -16.77
C GLU B 252 9.98 -4.64 -15.46
N THR B 253 8.68 -4.69 -15.34
CA THR B 253 7.99 -5.29 -14.20
C THR B 253 8.37 -6.78 -14.06
N HIS B 254 8.30 -7.50 -15.18
CA HIS B 254 8.66 -8.92 -15.19
C HIS B 254 10.07 -9.11 -14.68
N PHE B 255 10.99 -8.26 -15.11
CA PHE B 255 12.38 -8.44 -14.76
C PHE B 255 12.66 -7.98 -13.33
N LEU B 256 12.17 -6.81 -12.95
CA LEU B 256 12.46 -6.34 -11.59
C LEU B 256 11.89 -7.24 -10.50
N PHE B 257 10.73 -7.85 -10.75
CA PHE B 257 9.96 -8.49 -9.69
C PHE B 257 9.66 -9.94 -9.95
N ASP B 258 10.30 -10.49 -11.00
CA ASP B 258 10.10 -11.86 -11.40
C ASP B 258 8.61 -12.23 -11.41
N VAL B 259 7.82 -11.43 -12.11
CA VAL B 259 6.38 -11.67 -12.19
C VAL B 259 6.09 -12.11 -13.62
N ASP B 260 5.35 -13.21 -13.75
CA ASP B 260 4.97 -13.77 -15.05
C ASP B 260 4.16 -12.78 -15.84
N TYR B 261 4.19 -12.90 -17.15
CA TYR B 261 3.45 -11.97 -17.99
C TYR B 261 1.93 -12.14 -17.88
N ASN B 262 1.46 -13.36 -17.67
CA ASN B 262 0.04 -13.60 -17.37
C ASN B 262 -0.47 -12.82 -16.17
N ASP B 263 0.42 -12.53 -15.23
CA ASP B 263 0.07 -11.87 -13.97
C ASP B 263 0.39 -10.37 -13.93
N ILE B 264 0.62 -9.78 -15.10
CA ILE B 264 0.76 -8.33 -15.18
C ILE B 264 -0.43 -7.83 -15.99
N GLU B 265 -1.22 -6.96 -15.40
CA GLU B 265 -2.41 -6.40 -16.04
C GLU B 265 -2.26 -4.89 -16.18
N VAL B 266 -2.36 -4.39 -17.40
CA VAL B 266 -2.29 -2.95 -17.64
C VAL B 266 -3.67 -2.33 -17.46
N ILE B 267 -3.72 -1.26 -16.68
CA ILE B 267 -4.98 -0.60 -16.38
C ILE B 267 -4.77 0.89 -16.65
N VAL B 268 -5.73 1.49 -17.36
CA VAL B 268 -5.67 2.92 -17.69
C VAL B 268 -6.36 3.70 -16.58
N HIS B 269 -5.56 4.50 -15.90
CA HIS B 269 -5.99 5.34 -14.78
C HIS B 269 -5.64 6.79 -15.10
N LYS B 270 -6.61 7.51 -15.66
CA LYS B 270 -6.31 8.80 -16.27
C LYS B 270 -6.01 9.94 -15.30
N GLU B 271 -6.31 9.74 -14.02
CA GLU B 271 -6.08 10.78 -13.03
C GLU B 271 -4.62 10.81 -12.57
N CYS B 272 -3.90 9.71 -12.76
CA CYS B 272 -2.49 9.66 -12.44
C CYS B 272 -2.21 9.85 -10.95
N ILE B 273 -3.12 9.30 -10.14
CA ILE B 273 -3.03 9.38 -8.69
C ILE B 273 -2.54 8.05 -8.11
N ILE B 274 -3.19 6.94 -8.49
CA ILE B 274 -2.70 5.60 -8.17
C ILE B 274 -1.63 5.21 -9.17
N HIS B 275 -0.43 4.93 -8.71
CA HIS B 275 0.68 4.74 -9.64
C HIS B 275 0.91 3.29 -10.03
N SER B 276 0.29 2.40 -9.27
CA SER B 276 0.21 0.99 -9.57
C SER B 276 -0.18 0.25 -8.28
N CYS B 277 -0.58 -1.00 -8.42
CA CYS B 277 -1.12 -1.77 -7.31
C CYS B 277 -0.56 -3.17 -7.31
N VAL B 278 -0.36 -3.74 -6.13
CA VAL B 278 0.05 -5.12 -6.02
C VAL B 278 -1.04 -5.99 -5.39
N GLU B 279 -1.38 -7.09 -6.04
CA GLU B 279 -2.25 -8.12 -5.47
C GLU B 279 -1.41 -9.26 -4.88
N PHE B 280 -1.61 -9.53 -3.59
CA PHE B 280 -0.89 -10.57 -2.87
C PHE B 280 -1.66 -11.88 -2.91
N ILE B 281 -1.04 -12.95 -2.45
CA ILE B 281 -1.61 -14.27 -2.66
C ILE B 281 -2.92 -14.52 -1.89
N ASP B 282 -3.26 -13.66 -0.92
CA ASP B 282 -4.57 -13.74 -0.24
C ASP B 282 -5.64 -12.93 -0.98
N LYS B 283 -5.21 -12.21 -2.02
CA LYS B 283 -6.05 -11.36 -2.89
C LYS B 283 -6.14 -9.93 -2.37
N SER B 284 -5.53 -9.66 -1.23
CA SER B 284 -5.51 -8.29 -0.75
C SER B 284 -4.70 -7.43 -1.73
N VAL B 285 -5.20 -6.25 -2.04
CA VAL B 285 -4.45 -5.37 -2.93
C VAL B 285 -3.93 -4.16 -2.20
N ILE B 286 -2.69 -3.78 -2.49
CA ILE B 286 -2.07 -2.63 -1.83
C ILE B 286 -1.55 -1.70 -2.91
N SER B 287 -1.84 -0.41 -2.82
CA SER B 287 -1.41 0.53 -3.85
C SER B 287 -0.73 1.76 -3.29
N GLN B 288 -0.08 2.49 -4.17
CA GLN B 288 0.58 3.73 -3.81
C GLN B 288 -0.03 4.85 -4.61
N MET B 289 -0.29 5.96 -3.93
CA MET B 289 -0.92 7.11 -4.54
C MET B 289 -0.17 8.37 -4.25
N TYR B 290 -0.19 9.25 -5.22
CA TYR B 290 0.20 10.61 -4.95
C TYR B 290 -0.05 11.40 -6.20
N TYR B 291 0.07 12.71 -6.11
CA TYR B 291 -0.01 13.54 -7.31
C TYR B 291 1.06 13.06 -8.30
N PRO B 292 0.83 13.28 -9.60
CA PRO B 292 1.82 12.83 -10.57
C PRO B 292 3.08 13.68 -10.46
N ASP B 293 4.02 13.21 -9.65
CA ASP B 293 5.26 13.93 -9.36
C ASP B 293 6.40 12.94 -9.18
N MET B 294 7.49 13.15 -9.90
CA MET B 294 8.60 12.19 -9.91
C MET B 294 9.47 12.31 -8.67
N GLN B 295 9.22 13.32 -7.83
CA GLN B 295 10.04 13.54 -6.65
C GLN B 295 9.90 12.40 -5.64
N ILE B 296 8.68 11.91 -5.45
CA ILE B 296 8.45 10.80 -4.53
C ILE B 296 9.22 9.54 -4.88
N PRO B 297 9.08 9.03 -6.13
CA PRO B 297 9.78 7.78 -6.41
C PRO B 297 11.30 7.92 -6.37
N ILE B 298 11.83 9.05 -6.88
CA ILE B 298 13.27 9.34 -6.80
C ILE B 298 13.73 9.36 -5.36
N LEU B 299 12.98 10.08 -4.52
CA LEU B 299 13.32 10.19 -3.11
C LEU B 299 13.32 8.84 -2.38
N TYR B 300 12.26 8.07 -2.56
CA TYR B 300 12.17 6.76 -1.93
C TYR B 300 13.32 5.84 -2.33
N SER B 301 13.75 5.95 -3.57
CA SER B 301 14.88 5.16 -4.06
C SER B 301 16.17 5.55 -3.31
N LEU B 302 16.25 6.80 -2.85
CA LEU B 302 17.42 7.29 -2.10
C LEU B 302 17.34 7.10 -0.58
N THR B 303 16.14 6.85 -0.06
CA THR B 303 15.97 6.68 1.38
C THR B 303 15.66 5.23 1.77
N TRP B 304 15.08 4.47 0.84
CA TRP B 304 14.76 3.06 1.10
C TRP B 304 15.92 2.46 1.90
N PRO B 305 15.61 1.59 2.88
CA PRO B 305 14.29 1.11 3.29
C PRO B 305 13.52 2.08 4.21
N ASP B 306 14.03 3.30 4.35
CA ASP B 306 13.43 4.33 5.21
C ASP B 306 12.62 5.34 4.40
N ARG B 307 11.91 6.20 5.10
CA ARG B 307 11.34 7.42 4.51
C ARG B 307 11.75 8.63 5.31
N ILE B 308 11.76 9.79 4.66
CA ILE B 308 12.07 11.03 5.35
C ILE B 308 11.05 12.12 5.05
N LYS B 309 11.05 13.15 5.89
CA LYS B 309 10.07 14.22 5.79
C LYS B 309 10.33 15.06 4.55
N THR B 310 9.24 15.33 3.82
CA THR B 310 9.25 16.37 2.80
C THR B 310 8.20 17.43 3.09
N ASN B 311 8.35 18.57 2.40
CA ASN B 311 7.37 19.64 2.43
C ASN B 311 6.47 19.61 1.21
N LEU B 312 6.40 18.46 0.53
CA LEU B 312 5.54 18.36 -0.66
C LEU B 312 4.07 18.57 -0.30
N LYS B 313 3.32 19.12 -1.24
CA LYS B 313 1.90 19.32 -1.05
C LYS B 313 1.21 17.98 -0.72
N PRO B 314 0.40 17.95 0.36
CA PRO B 314 -0.29 16.70 0.70
C PRO B 314 -1.41 16.34 -0.25
N LEU B 315 -1.56 15.05 -0.53
CA LEU B 315 -2.66 14.59 -1.34
C LEU B 315 -3.97 14.97 -0.68
N ASP B 316 -4.87 15.53 -1.48
CA ASP B 316 -6.19 15.88 -0.99
C ASP B 316 -7.19 15.02 -1.77
N LEU B 317 -7.53 13.87 -1.22
CA LEU B 317 -8.38 12.90 -1.93
C LEU B 317 -9.76 13.43 -2.25
N ALA B 318 -10.32 14.20 -1.33
CA ALA B 318 -11.65 14.76 -1.52
C ALA B 318 -11.66 15.68 -2.74
N GLN B 319 -10.67 16.57 -2.82
CA GLN B 319 -10.52 17.48 -3.95
C GLN B 319 -10.34 16.72 -5.28
N VAL B 320 -9.48 15.72 -5.29
CA VAL B 320 -9.34 14.83 -6.46
C VAL B 320 -10.66 14.15 -6.77
N SER B 321 -11.33 13.65 -5.74
CA SER B 321 -12.76 13.34 -5.83
C SER B 321 -13.13 12.04 -6.57
N THR B 322 -12.56 11.85 -7.75
CA THR B 322 -12.81 10.64 -8.54
C THR B 322 -11.54 9.99 -9.06
N LEU B 323 -11.55 8.66 -9.07
CA LEU B 323 -10.52 7.86 -9.72
C LEU B 323 -11.17 6.82 -10.62
N THR B 324 -10.64 6.68 -11.83
CA THR B 324 -11.23 5.76 -12.82
C THR B 324 -10.26 4.72 -13.38
N PHE B 325 -10.82 3.56 -13.77
CA PHE B 325 -10.04 2.43 -14.31
C PHE B 325 -10.72 1.68 -15.44
N HIS B 326 -10.00 1.56 -16.55
CA HIS B 326 -10.43 0.71 -17.63
C HIS B 326 -9.26 0.02 -18.32
N LYS B 327 -9.60 -1.07 -19.01
CA LYS B 327 -8.65 -1.87 -19.77
C LYS B 327 -8.36 -1.18 -21.09
N PRO B 328 -7.08 -1.06 -21.47
CA PRO B 328 -6.82 -0.44 -22.76
C PRO B 328 -7.19 -1.39 -23.91
N SER B 329 -7.62 -0.82 -25.03
CA SER B 329 -7.90 -1.60 -26.24
C SER B 329 -6.60 -1.91 -26.99
N LEU B 330 -6.32 -3.19 -27.12
CA LEU B 330 -5.13 -3.65 -27.83
C LEU B 330 -5.17 -3.25 -29.30
N GLU B 331 -6.38 -3.15 -29.84
CA GLU B 331 -6.62 -2.72 -31.23
C GLU B 331 -6.12 -1.27 -31.46
N HIS B 332 -6.39 -0.39 -30.49
CA HIS B 332 -6.02 1.02 -30.59
C HIS B 332 -4.58 1.20 -30.15
N PHE B 333 -4.14 0.33 -29.25
CA PHE B 333 -2.78 0.36 -28.73
C PHE B 333 -1.99 -0.93 -28.94
N PRO B 334 -1.72 -1.28 -30.21
CA PRO B 334 -1.10 -2.59 -30.48
C PRO B 334 0.34 -2.76 -29.96
N CYS B 335 1.07 -1.67 -29.76
CA CYS B 335 2.38 -1.76 -29.11
C CYS B 335 2.33 -2.53 -27.79
N ILE B 336 1.20 -2.46 -27.09
CA ILE B 336 1.09 -3.20 -25.83
C ILE B 336 1.14 -4.68 -26.12
N LYS B 337 0.39 -5.12 -27.11
CA LYS B 337 0.36 -6.53 -27.46
C LYS B 337 1.76 -7.00 -27.90
N LEU B 338 2.45 -6.17 -28.66
CA LEU B 338 3.78 -6.52 -29.18
C LEU B 338 4.80 -6.68 -28.06
N ALA B 339 4.69 -5.83 -27.03
CA ALA B 339 5.57 -5.94 -25.87
C ALA B 339 5.35 -7.25 -25.15
N TYR B 340 4.09 -7.62 -24.90
CA TYR B 340 3.80 -8.90 -24.25
C TYR B 340 4.36 -10.08 -25.05
N GLN B 341 4.07 -10.10 -26.35
CA GLN B 341 4.55 -11.14 -27.25
C GLN B 341 6.07 -11.31 -27.19
N ALA B 342 6.80 -10.21 -27.35
CA ALA B 342 8.26 -10.23 -27.27
C ALA B 342 8.73 -10.68 -25.89
N GLY B 343 8.09 -10.13 -24.87
CA GLY B 343 8.39 -10.51 -23.50
C GLY B 343 8.17 -12.00 -23.26
N ILE B 344 7.02 -12.51 -23.69
CA ILE B 344 6.70 -13.93 -23.50
C ILE B 344 7.65 -14.85 -24.28
N LYS B 345 8.00 -14.44 -25.49
CA LYS B 345 8.92 -15.24 -26.30
C LYS B 345 10.31 -15.22 -25.66
N GLY B 346 10.62 -14.14 -24.97
CA GLY B 346 11.86 -14.05 -24.23
C GLY B 346 13.00 -14.00 -25.21
N ASN B 347 14.11 -14.60 -24.83
CA ASN B 347 15.34 -14.60 -25.61
C ASN B 347 15.83 -13.14 -25.85
N PHE B 348 16.18 -12.74 -27.06
CA PHE B 348 16.50 -11.33 -27.25
C PHE B 348 15.35 -10.56 -27.88
N TYR B 349 14.15 -11.13 -27.82
CA TYR B 349 13.02 -10.48 -28.47
C TYR B 349 12.77 -9.10 -27.84
N PRO B 350 12.88 -8.98 -26.52
CA PRO B 350 12.78 -7.67 -25.87
C PRO B 350 13.81 -6.64 -26.32
N THR B 351 15.04 -7.07 -26.54
CA THR B 351 16.08 -6.18 -27.03
C THR B 351 15.67 -5.64 -28.38
N VAL B 352 15.06 -6.51 -29.18
CA VAL B 352 14.62 -6.16 -30.53
C VAL B 352 13.45 -5.20 -30.45
N LEU B 353 12.47 -5.53 -29.60
CA LEU B 353 11.35 -4.65 -29.32
C LEU B 353 11.83 -3.23 -29.04
N ASN B 354 12.75 -3.11 -28.10
CA ASN B 354 13.20 -1.80 -27.64
C ASN B 354 13.94 -1.00 -28.71
N ALA B 355 14.78 -1.68 -29.48
CA ALA B 355 15.62 -1.06 -30.49
C ALA B 355 14.80 -0.57 -31.67
N SER B 356 13.90 -1.43 -32.13
CA SER B 356 13.03 -1.12 -33.25
C SER B 356 12.16 0.07 -32.86
N ASN B 357 11.69 0.07 -31.62
CA ASN B 357 10.92 1.21 -31.09
C ASN B 357 11.69 2.52 -30.97
N GLU B 358 12.97 2.47 -30.57
CA GLU B 358 13.76 3.70 -30.60
C GLU B 358 13.61 4.29 -31.97
N ILE B 359 13.69 3.43 -32.98
CA ILE B 359 13.66 3.91 -34.35
C ILE B 359 12.27 4.39 -34.78
N ALA B 360 11.23 3.58 -34.54
CA ALA B 360 9.88 3.94 -34.94
C ALA B 360 9.43 5.21 -34.21
N ASN B 361 9.62 5.20 -32.90
CA ASN B 361 9.38 6.36 -32.05
C ASN B 361 9.91 7.63 -32.71
N ASN B 362 11.22 7.69 -32.97
CA ASN B 362 11.82 8.95 -33.42
C ASN B 362 11.31 9.40 -34.78
N LEU B 363 11.01 8.43 -35.65
CA LEU B 363 10.45 8.73 -36.95
C LEU B 363 9.10 9.41 -36.77
N PHE B 364 8.25 8.83 -35.95
CA PHE B 364 6.93 9.40 -35.73
C PHE B 364 7.06 10.76 -35.09
N LEU B 365 7.94 10.89 -34.12
CA LEU B 365 8.17 12.18 -33.50
C LEU B 365 8.57 13.22 -34.55
N ASN B 366 9.29 12.78 -35.57
CA ASN B 366 9.82 13.68 -36.58
C ASN B 366 8.94 13.79 -37.81
N ASN B 367 7.74 13.21 -37.70
CA ASN B 367 6.67 13.35 -38.70
C ASN B 367 6.95 12.52 -39.94
N LYS B 368 7.75 11.48 -39.79
CA LYS B 368 8.13 10.65 -40.94
C LYS B 368 7.24 9.46 -41.17
N ILE B 369 6.52 8.98 -40.16
CA ILE B 369 5.58 7.86 -40.35
C ILE B 369 4.29 8.12 -39.59
N LYS B 370 3.30 7.27 -39.80
CA LYS B 370 2.02 7.37 -39.08
C LYS B 370 2.00 6.56 -37.79
N TYR B 371 1.00 6.83 -36.96
CA TYR B 371 0.82 6.14 -35.69
C TYR B 371 0.87 4.62 -35.86
N PHE B 372 0.09 4.05 -36.77
CA PHE B 372 0.07 2.58 -36.90
C PHE B 372 1.29 2.02 -37.60
N ASP B 373 2.04 2.90 -38.25
CA ASP B 373 3.33 2.55 -38.81
C ASP B 373 4.32 2.21 -37.72
N ILE B 374 4.17 2.85 -36.56
CA ILE B 374 5.05 2.56 -35.42
C ILE B 374 4.96 1.09 -35.04
N SER B 375 3.74 0.58 -34.79
CA SER B 375 3.56 -0.85 -34.46
C SER B 375 3.85 -1.79 -35.63
N SER B 376 3.50 -1.39 -36.84
CA SER B 376 3.84 -2.22 -38.00
C SER B 376 5.37 -2.46 -38.17
N ILE B 377 6.15 -1.39 -38.12
CA ILE B 377 7.59 -1.52 -38.24
C ILE B 377 8.15 -2.42 -37.15
N ILE B 378 7.78 -2.10 -35.92
CA ILE B 378 8.20 -2.91 -34.77
C ILE B 378 7.81 -4.37 -34.99
N SER B 379 6.56 -4.61 -35.39
CA SER B 379 6.09 -5.98 -35.55
C SER B 379 6.90 -6.73 -36.61
N GLN B 380 7.25 -6.04 -37.68
CA GLN B 380 8.04 -6.66 -38.74
C GLN B 380 9.48 -6.97 -38.31
N VAL B 381 10.09 -6.08 -37.54
CA VAL B 381 11.44 -6.36 -37.07
C VAL B 381 11.44 -7.54 -36.09
N LEU B 382 10.44 -7.63 -35.22
CA LEU B 382 10.33 -8.81 -34.34
C LEU B 382 10.17 -10.11 -35.14
N GLU B 383 9.24 -10.09 -36.10
CA GLU B 383 9.03 -11.19 -37.06
C GLU B 383 10.28 -11.74 -37.70
N SER B 384 11.19 -10.84 -38.04
CA SER B 384 12.33 -11.18 -38.87
C SER B 384 13.51 -11.67 -38.04
N PHE B 385 13.34 -11.67 -36.73
CA PHE B 385 14.41 -12.08 -35.83
C PHE B 385 14.20 -13.54 -35.45
N ASN B 386 15.31 -14.26 -35.34
CA ASN B 386 15.28 -15.65 -34.92
C ASN B 386 16.03 -15.77 -33.63
N SER B 387 15.49 -16.57 -32.71
CA SER B 387 16.15 -16.86 -31.46
C SER B 387 17.61 -17.17 -31.70
N GLN B 388 18.46 -16.61 -30.84
CA GLN B 388 19.85 -17.01 -30.82
C GLN B 388 20.15 -17.75 -29.53
N LYS B 389 21.20 -18.57 -29.57
CA LYS B 389 21.74 -19.20 -28.38
C LYS B 389 22.32 -18.13 -27.48
N VAL B 390 22.03 -18.22 -26.20
CA VAL B 390 22.41 -17.18 -25.25
C VAL B 390 23.82 -17.42 -24.70
N SER B 391 24.71 -16.45 -24.93
CA SER B 391 26.13 -16.57 -24.54
C SER B 391 26.23 -16.85 -23.06
N GLU B 392 26.97 -17.88 -22.67
CA GLU B 392 27.18 -18.13 -21.25
C GLU B 392 28.09 -17.08 -20.69
N ASN B 393 29.08 -16.66 -21.47
CA ASN B 393 30.04 -15.69 -20.98
C ASN B 393 29.40 -14.31 -20.95
N SER B 394 29.64 -13.61 -19.85
CA SER B 394 29.07 -12.30 -19.59
C SER B 394 29.45 -11.23 -20.62
N GLU B 395 30.71 -11.16 -21.05
CA GLU B 395 31.09 -10.14 -22.02
C GLU B 395 30.61 -10.51 -23.42
N ASP B 396 30.54 -11.82 -23.66
CA ASP B 396 29.94 -12.32 -24.89
C ASP B 396 28.46 -11.94 -24.94
N LEU B 397 27.80 -11.97 -23.79
CA LEU B 397 26.37 -11.65 -23.74
C LEU B 397 26.14 -10.18 -24.05
N MET B 398 26.90 -9.31 -23.39
CA MET B 398 26.94 -7.88 -23.73
C MET B 398 27.04 -7.59 -25.23
N LYS B 399 28.05 -8.16 -25.88
CA LYS B 399 28.29 -7.90 -27.29
C LYS B 399 27.13 -8.39 -28.11
N GLN B 400 26.56 -9.50 -27.68
CA GLN B 400 25.43 -10.09 -28.34
C GLN B 400 24.25 -9.12 -28.27
N ILE B 401 23.99 -8.61 -27.07
CA ILE B 401 22.93 -7.65 -26.88
C ILE B 401 23.19 -6.40 -27.75
N LEU B 402 24.41 -5.88 -27.77
CA LEU B 402 24.72 -4.75 -28.68
C LEU B 402 24.57 -5.13 -30.13
N GLN B 403 25.07 -6.30 -30.50
CA GLN B 403 24.92 -6.81 -31.86
C GLN B 403 23.44 -6.77 -32.25
N ILE B 404 22.58 -7.40 -31.45
CA ILE B 404 21.16 -7.51 -31.79
C ILE B 404 20.47 -6.14 -31.78
N HIS B 405 20.81 -5.31 -30.80
CA HIS B 405 20.27 -3.94 -30.74
C HIS B 405 20.61 -3.13 -31.99
N SER B 406 21.84 -3.29 -32.47
CA SER B 406 22.28 -2.46 -33.58
C SER B 406 21.64 -3.01 -34.86
N TRP B 407 21.56 -4.34 -34.95
CA TRP B 407 20.82 -5.00 -36.02
C TRP B 407 19.37 -4.60 -36.08
N ALA B 408 18.71 -4.60 -34.92
CA ALA B 408 17.28 -4.26 -34.87
C ALA B 408 17.01 -2.83 -35.32
N LYS B 409 17.86 -1.89 -34.90
CA LYS B 409 17.75 -0.50 -35.36
C LYS B 409 17.91 -0.37 -36.87
N ASP B 410 18.96 -1.00 -37.39
CA ASP B 410 19.23 -0.98 -38.82
C ASP B 410 18.10 -1.61 -39.63
N LYS B 411 17.52 -2.68 -39.10
CA LYS B 411 16.41 -3.38 -39.77
C LYS B 411 15.14 -2.51 -39.77
N ALA B 412 14.84 -1.88 -38.63
CA ALA B 412 13.71 -0.95 -38.60
C ALA B 412 13.90 0.21 -39.59
N THR B 413 15.09 0.82 -39.60
CA THR B 413 15.38 1.88 -40.56
C THR B 413 15.25 1.38 -41.98
N ASP B 414 15.67 0.14 -42.22
CA ASP B 414 15.53 -0.44 -43.54
C ASP B 414 14.06 -0.60 -43.92
N ILE B 415 13.20 -1.05 -43.00
CA ILE B 415 11.80 -1.24 -43.35
C ILE B 415 11.18 0.10 -43.66
N TYR B 416 11.51 1.11 -42.87
CA TYR B 416 11.02 2.45 -43.15
C TYR B 416 11.53 2.91 -44.51
N ASN B 417 12.81 2.69 -44.80
CA ASN B 417 13.39 3.25 -46.03
C ASN B 417 12.81 2.60 -47.29
N LYS B 418 12.55 1.30 -47.24
CA LYS B 418 11.98 0.57 -48.39
C LYS B 418 10.49 0.82 -48.58
N HIS B 419 9.83 1.33 -47.55
CA HIS B 419 8.40 1.62 -47.63
C HIS B 419 8.14 2.98 -48.25
N ASN B 420 7.13 3.05 -49.09
CA ASN B 420 6.63 4.32 -49.62
C ASN B 420 5.62 4.92 -48.67
#